data_1NIR
#
_entry.id   1NIR
#
_cell.length_a   163.068
_cell.length_b   90.072
_cell.length_c   111.888
_cell.angle_alpha   90.00
_cell.angle_beta   90.00
_cell.angle_gamma   90.00
#
_symmetry.space_group_name_H-M   'P 21 21 2'
#
loop_
_entity.id
_entity.type
_entity.pdbx_description
1 polymer 'NITRITE REDUCTASE'
2 non-polymer 'PHOSPHATE ION'
3 non-polymer 'CHLORIDE ION'
4 non-polymer 'HYDROXIDE ION'
5 non-polymer 'HEME C'
6 non-polymer 'HEME D'
7 water water
#
_entity_poly.entity_id   1
_entity_poly.type   'polypeptide(L)'
_entity_poly.pdbx_seq_one_letter_code
;KDDMKAAEQYQGAASAVDPAHVVRTNGAPDMSESEFNEAKQIYFQRCAGCHGVLRKGATGKPLTPDITQQRGQQYLEALI
TYGTPLGMPNWGSSGELSKEQITLMAKYIQHTPPQPPEWGMPEMRESWKVLVKPEDRPKKQLNDLDLPNLFSVTLRDAGQ
IALVDGDSKKIVKVIDTGYAVHISRMSASGRYLLVIGRDARIDMIDLWAKEPTKVAEIKIGIEARSVESSKFKGYEDRYT
IAGAYWPPQFAIMDGETLEPKQIVSTRGMTVDTQTYHPEPRVAAIIASHEHPEFIVNVKETGKVLLVNYKDIDNLTVTSI
GAAPFLHDGGWDSSHRYFMTAANNSNKVAVIDSKDRRLSALVDVGKTPHPGRGANFVHPKYGPVWSTSHLGDGSISLIGT
DPKNHPQYAWKKVAELQGQGGGSLFIKTHPKSSHLYVDTTFNPDARISQSVAVFDLKNLDAKYQVLPIAEWADLGEGAKR
VVQPEYNKRGDEVWFSVWNGKNDSSALVVVDDKTLKLKAVVKDPRLITPTGKFNVYNTQHDVY
;
_entity_poly.pdbx_strand_id   A,B
#
loop_
_chem_comp.id
_chem_comp.type
_chem_comp.name
_chem_comp.formula
CL non-polymer 'CHLORIDE ION' 'Cl -1'
DHE non-polymer 'HEME D' 'C34 H32 Fe N4 O10'
HEC non-polymer 'HEME C' 'C34 H34 Fe N4 O4'
OH non-polymer 'HYDROXIDE ION' 'H O -1'
PO4 non-polymer 'PHOSPHATE ION' 'O4 P -3'
#
# COMPACT_ATOMS: atom_id res chain seq x y z
N ALA A 6 -25.10 -15.54 16.76
CA ALA A 6 -24.78 -16.35 15.53
C ALA A 6 -23.45 -15.88 14.97
N ALA A 7 -23.33 -14.56 14.78
CA ALA A 7 -22.10 -13.96 14.25
C ALA A 7 -20.96 -14.03 15.27
N GLU A 8 -21.32 -14.12 16.56
CA GLU A 8 -20.34 -14.22 17.63
C GLU A 8 -19.69 -15.60 17.66
N GLN A 9 -20.43 -16.62 17.20
CA GLN A 9 -19.93 -17.99 17.15
C GLN A 9 -19.24 -18.25 15.81
N TYR A 10 -19.66 -17.48 14.81
CA TYR A 10 -19.09 -17.55 13.47
C TYR A 10 -17.63 -17.09 13.52
N GLN A 11 -17.41 -15.93 14.14
CA GLN A 11 -16.06 -15.35 14.27
C GLN A 11 -15.43 -15.69 15.63
N GLY A 12 -15.83 -16.81 16.21
CA GLY A 12 -15.33 -17.20 17.52
C GLY A 12 -14.14 -18.16 17.68
N ALA A 13 -13.68 -18.79 16.60
CA ALA A 13 -12.54 -19.72 16.71
C ALA A 13 -11.24 -18.96 16.93
N ALA A 14 -10.22 -19.68 17.42
CA ALA A 14 -8.92 -19.08 17.66
C ALA A 14 -8.23 -18.65 16.38
N SER A 15 -7.48 -17.56 16.46
CA SER A 15 -6.71 -17.05 15.35
C SER A 15 -5.59 -18.07 15.10
N ALA A 16 -5.17 -18.21 13.84
CA ALA A 16 -4.10 -19.14 13.50
C ALA A 16 -2.76 -18.59 14.01
N VAL A 17 -2.72 -17.30 14.33
CA VAL A 17 -1.51 -16.67 14.83
C VAL A 17 -1.11 -17.31 16.16
N ASP A 18 0.15 -17.74 16.26
CA ASP A 18 0.65 -18.38 17.48
C ASP A 18 1.13 -17.33 18.48
N PRO A 19 0.48 -17.27 19.66
CA PRO A 19 0.79 -16.33 20.75
C PRO A 19 2.26 -16.32 21.17
N ALA A 20 2.91 -17.48 21.12
CA ALA A 20 4.31 -17.61 21.51
C ALA A 20 5.27 -16.86 20.57
N HIS A 21 4.81 -16.55 19.36
CA HIS A 21 5.64 -15.83 18.39
C HIS A 21 5.32 -14.35 18.31
N VAL A 22 4.33 -13.92 19.10
CA VAL A 22 3.95 -12.52 19.15
C VAL A 22 4.78 -11.95 20.28
N VAL A 23 5.65 -10.99 19.96
CA VAL A 23 6.57 -10.44 20.95
C VAL A 23 6.28 -9.09 21.60
N ARG A 24 6.46 -9.05 22.92
CA ARG A 24 6.33 -7.83 23.72
C ARG A 24 7.70 -7.18 23.69
N THR A 25 7.76 -5.87 23.41
CA THR A 25 9.04 -5.18 23.34
C THR A 25 9.46 -4.48 24.67
N ASN A 26 10.79 -4.55 24.91
CA ASN A 26 11.53 -3.93 26.04
C ASN A 26 12.80 -4.68 26.45
N GLY A 27 13.38 -4.27 27.55
CA GLY A 27 14.68 -4.80 27.98
C GLY A 27 15.62 -3.62 27.78
N ALA A 28 14.98 -2.46 27.54
CA ALA A 28 15.66 -1.20 27.32
C ALA A 28 15.97 -0.49 28.64
N PRO A 29 17.03 0.34 28.65
CA PRO A 29 17.47 1.11 29.82
C PRO A 29 16.46 2.17 30.23
N ASP A 30 15.97 2.10 31.46
CA ASP A 30 15.00 3.05 31.95
C ASP A 30 15.49 4.49 31.89
N MET A 31 14.58 5.39 31.50
CA MET A 31 14.91 6.81 31.42
C MET A 31 13.66 7.64 31.72
N SER A 32 13.82 8.68 32.56
CA SER A 32 12.71 9.55 32.97
C SER A 32 12.12 10.26 31.74
N GLU A 33 11.02 10.94 31.98
CA GLU A 33 10.33 11.66 30.91
C GLU A 33 11.20 12.79 30.32
N SER A 34 11.91 13.50 31.18
CA SER A 34 12.76 14.61 30.73
C SER A 34 14.02 14.09 29.99
N GLU A 35 14.46 12.91 30.38
CA GLU A 35 15.64 12.28 29.74
C GLU A 35 15.26 11.75 28.36
N PHE A 36 14.10 11.15 28.31
CA PHE A 36 13.57 10.56 27.07
C PHE A 36 13.28 11.68 26.05
N ASN A 37 12.67 12.75 26.56
CA ASN A 37 12.30 13.91 25.74
C ASN A 37 13.54 14.67 25.25
N GLU A 38 14.55 14.70 26.10
CA GLU A 38 15.80 15.38 25.76
C GLU A 38 16.49 14.66 24.59
N ALA A 39 16.45 13.34 24.68
CA ALA A 39 17.05 12.45 23.68
C ALA A 39 16.23 12.46 22.37
N LYS A 40 14.92 12.47 22.55
CA LYS A 40 13.96 12.47 21.44
C LYS A 40 14.08 13.74 20.60
N GLN A 41 14.28 14.84 21.30
CA GLN A 41 14.42 16.17 20.68
C GLN A 41 15.68 16.21 19.80
N ILE A 42 16.74 15.63 20.34
CA ILE A 42 18.03 15.58 19.65
C ILE A 42 17.94 14.66 18.42
N TYR A 43 17.18 13.60 18.55
CA TYR A 43 17.03 12.61 17.48
C TYR A 43 16.43 13.22 16.21
N PHE A 44 15.36 13.96 16.38
CA PHE A 44 14.65 14.57 15.25
C PHE A 44 15.38 15.80 14.71
N GLN A 45 16.24 16.35 15.53
CA GLN A 45 17.00 17.54 15.14
C GLN A 45 18.30 17.18 14.42
N ARG A 46 18.89 16.06 14.81
CA ARG A 46 20.20 15.65 14.24
C ARG A 46 20.22 14.26 13.56
N CYS A 47 19.30 13.38 13.89
CA CYS A 47 19.35 11.99 13.33
C CYS A 47 18.21 11.60 12.34
N ALA A 48 17.01 12.08 12.61
CA ALA A 48 15.79 11.74 11.80
C ALA A 48 15.96 11.89 10.25
N GLY A 49 16.66 12.93 9.85
CA GLY A 49 16.87 13.23 8.40
C GLY A 49 17.31 11.97 7.61
N CYS A 50 18.33 11.33 8.13
CA CYS A 50 18.93 10.14 7.51
C CYS A 50 18.24 8.82 7.90
N HIS A 51 18.14 8.60 9.20
CA HIS A 51 17.59 7.34 9.77
C HIS A 51 16.03 7.25 9.69
N GLY A 52 15.36 8.39 9.62
CA GLY A 52 13.88 8.41 9.53
C GLY A 52 13.22 8.33 10.92
N VAL A 53 11.89 8.44 10.89
CA VAL A 53 11.06 8.41 12.11
C VAL A 53 11.08 7.03 12.79
N LEU A 54 10.98 5.99 11.99
CA LEU A 54 10.95 4.60 12.53
C LEU A 54 12.35 3.96 12.51
N ARG A 55 13.32 4.80 12.19
CA ARG A 55 14.78 4.47 12.18
C ARG A 55 15.21 3.33 11.23
N LYS A 56 14.63 3.29 10.07
CA LYS A 56 14.98 2.26 9.07
C LYS A 56 15.26 2.92 7.72
N GLY A 57 15.58 4.20 7.79
CA GLY A 57 15.82 5.06 6.60
C GLY A 57 17.26 5.07 6.06
N ALA A 58 18.24 4.74 6.87
CA ALA A 58 19.66 4.77 6.40
C ALA A 58 20.14 3.38 5.99
N THR A 59 21.30 3.35 5.33
CA THR A 59 21.92 2.08 4.91
C THR A 59 22.49 1.46 6.17
N GLY A 60 22.93 0.24 6.06
CA GLY A 60 23.46 -0.47 7.23
C GLY A 60 22.30 -0.96 8.09
N LYS A 61 22.61 -1.32 9.31
CA LYS A 61 21.60 -1.85 10.25
C LYS A 61 20.68 -0.74 10.83
N PRO A 62 19.36 -1.05 10.92
CA PRO A 62 18.33 -0.14 11.47
C PRO A 62 18.55 0.09 12.95
N LEU A 63 18.12 1.24 13.43
CA LEU A 63 18.27 1.55 14.88
C LEU A 63 17.03 1.10 15.69
N THR A 64 16.51 -0.07 15.36
CA THR A 64 15.33 -0.60 16.07
C THR A 64 15.84 -1.41 17.27
N PRO A 65 15.02 -1.53 18.34
CA PRO A 65 15.44 -2.19 19.57
C PRO A 65 15.99 -3.61 19.40
N ASP A 66 15.62 -4.34 18.37
CA ASP A 66 16.17 -5.71 18.21
C ASP A 66 17.68 -5.64 17.93
N ILE A 67 18.09 -4.73 17.07
CA ILE A 67 19.51 -4.58 16.74
C ILE A 67 20.26 -3.80 17.84
N THR A 68 19.71 -2.65 18.24
CA THR A 68 20.36 -1.79 19.26
C THR A 68 20.61 -2.51 20.60
N GLN A 69 19.68 -3.34 21.03
CA GLN A 69 19.85 -4.06 22.30
C GLN A 69 20.87 -5.18 22.12
N GLN A 70 20.99 -5.64 20.88
CA GLN A 70 21.96 -6.69 20.55
C GLN A 70 23.38 -6.10 20.63
N ARG A 71 23.52 -4.89 20.09
CA ARG A 71 24.81 -4.17 20.08
C ARG A 71 25.25 -3.85 21.52
N GLY A 72 24.31 -3.35 22.30
CA GLY A 72 24.56 -2.99 23.71
C GLY A 72 24.92 -1.50 23.84
N GLN A 73 24.76 -1.02 25.07
CA GLN A 73 24.99 0.39 25.46
C GLN A 73 26.38 0.93 25.05
N GLN A 74 27.44 0.23 25.42
CA GLN A 74 28.83 0.67 25.13
C GLN A 74 29.14 0.61 23.63
N TYR A 75 28.63 -0.33 22.86
CA TYR A 75 28.88 -0.37 21.43
C TYR A 75 28.25 0.87 20.80
N LEU A 76 26.98 1.12 21.15
CA LEU A 76 26.22 2.25 20.62
C LEU A 76 26.85 3.62 20.92
N GLU A 77 27.34 3.79 22.14
CA GLU A 77 27.99 5.06 22.51
C GLU A 77 29.26 5.27 21.72
N ALA A 78 30.02 4.19 21.52
CA ALA A 78 31.25 4.25 20.76
C ALA A 78 30.99 4.60 19.30
N LEU A 79 29.97 4.00 18.70
CA LEU A 79 29.65 4.28 17.31
C LEU A 79 29.16 5.72 17.13
N ILE A 80 28.32 6.20 18.03
CA ILE A 80 27.79 7.55 17.95
C ILE A 80 28.92 8.55 18.16
N THR A 81 29.85 8.23 19.06
CA THR A 81 31.00 9.09 19.35
C THR A 81 31.95 9.24 18.17
N TYR A 82 32.36 8.11 17.60
CA TYR A 82 33.33 8.09 16.51
C TYR A 82 32.80 7.98 15.08
N GLY A 83 31.53 7.62 14.92
CA GLY A 83 30.95 7.47 13.59
C GLY A 83 31.63 6.38 12.77
N THR A 84 31.39 6.40 11.45
CA THR A 84 31.99 5.43 10.53
C THR A 84 32.27 6.11 9.19
N PRO A 85 33.15 5.51 8.36
CA PRO A 85 33.47 6.08 7.04
C PRO A 85 32.40 5.81 5.99
N LEU A 86 31.31 5.15 6.41
CA LEU A 86 30.23 4.81 5.51
C LEU A 86 28.96 5.67 5.61
N GLY A 87 29.13 6.98 5.83
CA GLY A 87 28.00 7.87 5.91
C GLY A 87 27.46 8.23 7.29
N MET A 88 28.04 7.65 8.34
CA MET A 88 27.61 7.94 9.69
C MET A 88 28.54 8.95 10.35
N PRO A 89 28.08 10.19 10.58
CA PRO A 89 28.92 11.22 11.21
C PRO A 89 29.30 10.96 12.67
N ASN A 90 30.46 11.47 13.06
CA ASN A 90 30.96 11.34 14.42
C ASN A 90 30.44 12.50 15.26
N TRP A 91 29.75 12.18 16.35
CA TRP A 91 29.14 13.20 17.20
C TRP A 91 29.93 13.56 18.45
N GLY A 92 30.76 12.63 18.93
CA GLY A 92 31.54 12.90 20.12
C GLY A 92 32.87 13.51 19.76
N SER A 93 33.56 12.90 18.80
CA SER A 93 34.86 13.37 18.34
C SER A 93 34.79 14.81 17.86
N SER A 94 33.78 15.11 17.04
CA SER A 94 33.59 16.46 16.52
C SER A 94 33.23 17.45 17.62
N GLY A 95 32.64 16.94 18.70
CA GLY A 95 32.25 17.79 19.82
C GLY A 95 30.86 18.38 19.64
N GLU A 96 30.09 17.83 18.71
CA GLU A 96 28.73 18.30 18.45
C GLU A 96 27.82 17.97 19.64
N LEU A 97 27.89 16.73 20.12
CA LEU A 97 27.10 16.29 21.27
C LEU A 97 28.04 15.96 22.44
N SER A 98 27.55 16.14 23.67
CA SER A 98 28.34 15.84 24.86
C SER A 98 28.25 14.34 25.17
N LYS A 99 29.12 13.85 26.06
CA LYS A 99 29.10 12.42 26.39
C LYS A 99 27.85 12.06 27.18
N GLU A 100 27.29 13.03 27.88
CA GLU A 100 26.09 12.82 28.66
C GLU A 100 24.91 12.69 27.68
N GLN A 101 24.95 13.46 26.59
CA GLN A 101 23.90 13.41 25.58
C GLN A 101 24.00 12.12 24.77
N ILE A 102 25.24 11.74 24.43
CA ILE A 102 25.50 10.52 23.67
C ILE A 102 25.01 9.28 24.43
N THR A 103 25.16 9.31 25.75
CA THR A 103 24.71 8.22 26.61
C THR A 103 23.18 8.18 26.57
N LEU A 104 22.55 9.35 26.56
CA LEU A 104 21.09 9.44 26.50
C LEU A 104 20.58 8.92 25.16
N MET A 105 21.33 9.17 24.10
CA MET A 105 20.92 8.71 22.77
C MET A 105 21.03 7.18 22.65
N ALA A 106 22.10 6.61 23.20
CA ALA A 106 22.31 5.15 23.16
C ALA A 106 21.16 4.44 23.83
N LYS A 107 20.73 5.00 24.97
CA LYS A 107 19.61 4.46 25.73
C LYS A 107 18.28 4.61 24.97
N TYR A 108 18.11 5.78 24.37
CA TYR A 108 16.90 6.12 23.61
C TYR A 108 16.61 5.16 22.46
N ILE A 109 17.61 4.88 21.62
CA ILE A 109 17.43 4.00 20.47
C ILE A 109 17.19 2.53 20.83
N GLN A 110 17.33 2.21 22.11
CA GLN A 110 17.08 0.86 22.60
C GLN A 110 15.58 0.70 22.97
N HIS A 111 14.84 1.81 22.91
CA HIS A 111 13.39 1.83 23.19
C HIS A 111 12.64 1.84 21.86
N THR A 112 11.37 1.46 21.91
CA THR A 112 10.50 1.44 20.73
C THR A 112 10.43 2.88 20.22
N PRO A 113 10.45 3.07 18.89
CA PRO A 113 10.39 4.41 18.32
C PRO A 113 9.05 5.08 18.62
N PRO A 114 9.07 6.30 19.19
CA PRO A 114 7.83 7.01 19.51
C PRO A 114 7.13 7.29 18.18
N GLN A 115 5.81 7.38 18.20
CA GLN A 115 5.05 7.58 16.97
C GLN A 115 4.45 8.98 16.76
N PRO A 116 4.72 9.60 15.59
CA PRO A 116 4.15 10.92 15.29
C PRO A 116 2.73 10.58 14.84
N PRO A 117 1.82 11.55 14.83
CA PRO A 117 0.46 11.21 14.41
C PRO A 117 0.28 10.92 12.92
N GLU A 118 -0.86 10.34 12.57
CA GLU A 118 -1.20 10.06 11.18
C GLU A 118 -1.80 11.35 10.61
N TRP A 119 -2.18 11.35 9.34
CA TRP A 119 -2.74 12.55 8.72
C TRP A 119 -3.59 12.11 7.55
N GLY A 120 -4.87 11.88 7.82
CA GLY A 120 -5.79 11.44 6.79
C GLY A 120 -6.71 12.54 6.31
N MET A 121 -7.84 12.15 5.72
CA MET A 121 -8.82 13.08 5.17
C MET A 121 -9.39 14.08 6.18
N PRO A 122 -9.68 13.66 7.43
CA PRO A 122 -10.21 14.64 8.38
C PRO A 122 -9.21 15.78 8.64
N GLU A 123 -7.94 15.41 8.81
CA GLU A 123 -6.88 16.39 9.04
C GLU A 123 -6.66 17.26 7.80
N MET A 124 -6.75 16.66 6.62
CA MET A 124 -6.56 17.40 5.38
C MET A 124 -7.67 18.42 5.09
N ARG A 125 -8.92 18.00 5.22
CA ARG A 125 -10.05 18.90 4.98
C ARG A 125 -10.06 20.04 5.99
N GLU A 126 -9.60 19.75 7.21
CA GLU A 126 -9.55 20.77 8.25
C GLU A 126 -8.51 21.85 7.90
N SER A 127 -7.39 21.45 7.33
CA SER A 127 -6.33 22.40 6.96
C SER A 127 -6.64 23.13 5.64
N TRP A 128 -7.61 22.61 4.89
CA TRP A 128 -8.00 23.14 3.60
C TRP A 128 -8.74 24.49 3.63
N LYS A 129 -8.26 25.44 2.83
CA LYS A 129 -8.87 26.76 2.76
C LYS A 129 -8.90 27.27 1.32
N VAL A 130 -10.07 27.68 0.87
CA VAL A 130 -10.21 28.26 -0.46
C VAL A 130 -10.26 29.75 -0.16
N LEU A 131 -9.15 30.44 -0.40
CA LEU A 131 -9.05 31.87 -0.14
C LEU A 131 -9.82 32.72 -1.14
N VAL A 132 -9.73 32.35 -2.41
CA VAL A 132 -10.45 33.05 -3.47
C VAL A 132 -11.10 32.01 -4.39
N LYS A 133 -12.44 31.90 -4.30
CA LYS A 133 -13.20 30.93 -5.12
C LYS A 133 -12.86 31.13 -6.59
N PRO A 134 -12.84 30.07 -7.40
CA PRO A 134 -12.49 30.18 -8.81
C PRO A 134 -13.39 31.16 -9.56
N GLU A 135 -14.66 31.23 -9.18
CA GLU A 135 -15.63 32.12 -9.85
C GLU A 135 -15.33 33.60 -9.55
N ASP A 136 -14.62 33.84 -8.46
CA ASP A 136 -14.28 35.20 -8.02
C ASP A 136 -12.89 35.63 -8.51
N ARG A 137 -12.23 34.73 -9.19
CA ARG A 137 -10.88 34.98 -9.72
C ARG A 137 -10.97 35.71 -11.06
N PRO A 138 -10.00 36.57 -11.41
CA PRO A 138 -10.04 37.31 -12.67
C PRO A 138 -10.11 36.35 -13.84
N LYS A 139 -10.56 36.89 -14.97
CA LYS A 139 -10.71 36.12 -16.24
C LYS A 139 -9.54 36.41 -17.19
N LYS A 140 -8.73 37.35 -16.77
CA LYS A 140 -7.53 37.79 -17.51
C LYS A 140 -6.46 38.25 -16.54
N GLN A 141 -5.26 38.36 -17.07
CA GLN A 141 -4.12 38.85 -16.28
C GLN A 141 -4.35 40.33 -15.99
N LEU A 142 -4.61 40.62 -14.72
CA LEU A 142 -4.91 42.00 -14.26
C LEU A 142 -3.66 42.80 -13.86
N ASN A 143 -2.51 42.41 -14.37
CA ASN A 143 -1.24 43.14 -14.09
C ASN A 143 -0.41 43.18 -15.39
N ASP A 144 0.64 43.98 -15.36
CA ASP A 144 1.51 44.18 -16.53
C ASP A 144 2.81 43.37 -16.47
N LEU A 145 2.88 42.51 -15.48
CA LEU A 145 4.07 41.66 -15.27
C LEU A 145 4.30 40.69 -16.43
N ASP A 146 5.58 40.38 -16.60
CA ASP A 146 6.06 39.44 -17.61
C ASP A 146 6.18 38.09 -16.90
N LEU A 147 5.02 37.55 -16.63
CA LEU A 147 4.84 36.28 -15.92
C LEU A 147 5.86 35.22 -16.36
N PRO A 148 5.99 34.89 -17.66
CA PRO A 148 6.91 33.85 -18.09
C PRO A 148 8.37 34.07 -17.65
N ASN A 149 8.83 35.31 -17.49
CA ASN A 149 10.25 35.52 -17.07
C ASN A 149 10.39 35.89 -15.59
N LEU A 150 9.36 35.52 -14.86
CA LEU A 150 9.27 35.73 -13.40
C LEU A 150 10.01 34.57 -12.72
N PHE A 151 10.70 34.86 -11.63
CA PHE A 151 11.45 33.83 -10.87
C PHE A 151 10.86 33.68 -9.46
N SER A 152 10.55 32.44 -9.11
CA SER A 152 9.99 32.12 -7.78
C SER A 152 11.16 31.64 -6.89
N VAL A 153 11.60 32.56 -6.03
CA VAL A 153 12.73 32.31 -5.13
C VAL A 153 12.28 32.01 -3.70
N THR A 154 12.88 30.96 -3.17
CA THR A 154 12.60 30.47 -1.81
C THR A 154 13.44 31.19 -0.75
N LEU A 155 12.72 31.75 0.21
CA LEU A 155 13.31 32.43 1.38
C LEU A 155 13.11 31.47 2.56
N ARG A 156 13.87 30.39 2.45
CA ARG A 156 13.86 29.24 3.39
C ARG A 156 13.40 29.58 4.82
N ASP A 157 14.37 29.95 5.63
CA ASP A 157 14.16 30.24 7.08
C ASP A 157 13.06 31.29 7.38
N ALA A 158 12.66 32.05 6.40
CA ALA A 158 11.62 33.11 6.61
C ALA A 158 10.20 32.58 6.38
N GLY A 159 10.12 31.41 5.79
CA GLY A 159 8.83 30.76 5.49
C GLY A 159 8.04 31.63 4.50
N GLN A 160 8.75 32.01 3.46
CA GLN A 160 8.22 32.85 2.38
C GLN A 160 8.93 32.54 1.06
N ILE A 161 8.42 33.18 0.04
CA ILE A 161 8.96 33.13 -1.32
C ILE A 161 8.85 34.52 -1.89
N ALA A 162 9.67 34.79 -2.84
CA ALA A 162 9.69 36.08 -3.47
C ALA A 162 9.65 35.95 -4.98
N LEU A 163 8.75 36.73 -5.55
CA LEU A 163 8.59 36.79 -6.99
C LEU A 163 9.49 37.90 -7.49
N VAL A 164 10.50 37.50 -8.21
CA VAL A 164 11.48 38.45 -8.75
C VAL A 164 11.38 38.56 -10.26
N ASP A 165 11.25 39.79 -10.71
CA ASP A 165 11.16 40.11 -12.14
C ASP A 165 12.52 39.85 -12.77
N GLY A 166 12.48 38.99 -13.75
CA GLY A 166 13.66 38.52 -14.50
C GLY A 166 14.53 39.66 -15.08
N ASP A 167 13.91 40.55 -15.81
CA ASP A 167 14.63 41.64 -16.51
C ASP A 167 14.98 42.85 -15.60
N SER A 168 14.05 43.25 -14.75
CA SER A 168 14.28 44.41 -13.85
C SER A 168 15.12 44.00 -12.65
N LYS A 169 15.25 42.76 -12.24
CA LYS A 169 16.02 42.27 -11.09
C LYS A 169 15.49 42.73 -9.73
N LYS A 170 14.21 43.08 -9.69
CA LYS A 170 13.59 43.55 -8.46
C LYS A 170 12.51 42.65 -7.91
N ILE A 171 12.40 42.61 -6.59
CA ILE A 171 11.40 41.81 -5.92
C ILE A 171 10.02 42.45 -6.15
N VAL A 172 9.19 41.72 -6.90
CA VAL A 172 7.83 42.14 -7.24
C VAL A 172 6.85 41.94 -6.08
N LYS A 173 7.09 40.89 -5.30
CA LYS A 173 6.18 40.56 -4.21
C LYS A 173 6.76 39.49 -3.29
N VAL A 174 6.45 39.57 -2.01
CA VAL A 174 6.88 38.57 -1.03
C VAL A 174 5.60 37.94 -0.48
N ILE A 175 5.55 36.61 -0.48
CA ILE A 175 4.38 35.88 -0.02
C ILE A 175 4.68 34.92 1.14
N ASP A 176 3.80 34.92 2.14
CA ASP A 176 3.96 34.03 3.31
C ASP A 176 3.51 32.63 2.95
N THR A 177 4.38 31.66 3.17
CA THR A 177 4.11 30.27 2.82
C THR A 177 4.39 29.31 3.98
N GLY A 178 4.52 28.03 3.67
CA GLY A 178 4.85 27.06 4.69
C GLY A 178 6.31 27.28 5.04
N TYR A 179 6.79 26.63 6.09
CA TYR A 179 8.19 26.79 6.47
C TYR A 179 9.15 26.11 5.50
N ALA A 180 10.19 26.83 5.12
CA ALA A 180 11.24 26.32 4.24
C ALA A 180 10.77 25.60 2.97
N VAL A 181 10.09 26.33 2.10
CA VAL A 181 9.60 25.79 0.83
C VAL A 181 10.71 25.01 0.13
N HIS A 182 10.31 23.82 -0.43
CA HIS A 182 11.43 23.08 -1.02
C HIS A 182 11.47 23.30 -2.54
N ILE A 183 10.33 23.36 -3.22
CA ILE A 183 10.30 23.62 -4.66
C ILE A 183 9.05 24.41 -5.05
N SER A 184 9.13 25.06 -6.21
CA SER A 184 8.03 25.81 -6.80
C SER A 184 7.70 25.05 -8.09
N ARG A 185 6.43 25.00 -8.48
CA ARG A 185 6.01 24.32 -9.71
C ARG A 185 4.88 25.10 -10.38
N MET A 186 4.80 25.03 -11.70
CA MET A 186 3.77 25.74 -12.45
C MET A 186 2.67 24.83 -12.99
N SER A 187 1.45 25.39 -13.09
CA SER A 187 0.33 24.66 -13.65
C SER A 187 0.56 24.67 -15.15
N ALA A 188 -0.08 23.75 -15.87
CA ALA A 188 0.08 23.64 -17.31
C ALA A 188 -0.40 24.86 -18.10
N SER A 189 -1.30 25.64 -17.50
CA SER A 189 -1.84 26.84 -18.13
C SER A 189 -0.89 28.05 -18.00
N GLY A 190 0.07 27.95 -17.07
CA GLY A 190 1.00 29.04 -16.85
C GLY A 190 0.43 30.12 -15.93
N ARG A 191 -0.76 29.89 -15.41
CA ARG A 191 -1.43 30.86 -14.52
C ARG A 191 -1.15 30.65 -13.04
N TYR A 192 -1.11 29.41 -12.59
CA TYR A 192 -0.90 29.14 -11.17
C TYR A 192 0.47 28.64 -10.75
N LEU A 193 0.96 29.21 -9.66
CA LEU A 193 2.24 28.86 -9.07
C LEU A 193 1.93 28.02 -7.82
N LEU A 194 2.62 26.91 -7.67
CA LEU A 194 2.42 26.02 -6.53
C LEU A 194 3.72 25.90 -5.75
N VAL A 195 3.63 26.01 -4.43
CA VAL A 195 4.80 25.89 -3.56
C VAL A 195 4.44 24.97 -2.40
N ILE A 196 5.43 24.26 -1.89
CA ILE A 196 5.19 23.36 -0.76
C ILE A 196 6.33 23.46 0.24
N GLY A 197 5.98 23.59 1.52
CA GLY A 197 7.00 23.68 2.55
C GLY A 197 7.42 22.30 3.04
N ARG A 198 8.56 22.21 3.71
CA ARG A 198 9.01 20.93 4.25
C ARG A 198 8.02 20.43 5.30
N ASP A 199 7.17 21.36 5.76
CA ASP A 199 6.12 21.04 6.72
C ASP A 199 4.86 20.53 6.03
N ALA A 200 4.96 20.24 4.74
CA ALA A 200 3.84 19.73 3.95
C ALA A 200 2.68 20.70 3.64
N ARG A 201 2.88 21.97 3.87
CA ARG A 201 1.84 22.97 3.54
C ARG A 201 2.03 23.45 2.10
N ILE A 202 0.93 23.39 1.37
CA ILE A 202 0.89 23.81 -0.04
C ILE A 202 0.07 25.09 -0.20
N ASP A 203 0.58 25.93 -1.09
CA ASP A 203 -0.04 27.22 -1.40
C ASP A 203 -0.13 27.41 -2.92
N MET A 204 -1.28 27.66 -3.40
CA MET A 204 -1.66 27.97 -4.79
C MET A 204 -1.80 29.48 -4.97
N ILE A 205 -0.96 30.01 -5.85
CA ILE A 205 -0.92 31.45 -6.15
C ILE A 205 -1.34 31.72 -7.60
N ASP A 206 -2.20 32.72 -7.71
CA ASP A 206 -2.74 33.20 -9.00
C ASP A 206 -1.93 34.42 -9.46
N LEU A 207 -1.19 34.20 -10.54
CA LEU A 207 -0.31 35.23 -11.14
C LEU A 207 -1.08 36.23 -12.00
N TRP A 208 -2.38 36.00 -12.14
CA TRP A 208 -3.23 36.87 -12.98
C TRP A 208 -3.90 37.99 -12.16
N ALA A 209 -3.83 37.86 -10.85
CA ALA A 209 -4.42 38.86 -9.93
C ALA A 209 -3.60 40.15 -9.95
N LYS A 210 -4.30 41.25 -9.72
CA LYS A 210 -3.66 42.59 -9.69
C LYS A 210 -2.24 42.42 -9.19
N GLU A 211 -2.18 41.75 -8.06
CA GLU A 211 -0.94 41.41 -7.37
C GLU A 211 -0.94 39.90 -7.16
N PRO A 212 0.13 39.18 -7.52
CA PRO A 212 0.14 37.74 -7.36
C PRO A 212 -0.07 37.38 -5.91
N THR A 213 -1.22 36.74 -5.66
CA THR A 213 -1.62 36.31 -4.30
C THR A 213 -2.17 34.87 -4.32
N LYS A 214 -2.22 34.30 -3.12
CA LYS A 214 -2.70 32.93 -2.89
C LYS A 214 -4.23 32.90 -3.01
N VAL A 215 -4.71 31.78 -3.53
CA VAL A 215 -6.15 31.54 -3.73
C VAL A 215 -6.62 30.29 -2.99
N ALA A 216 -5.67 29.54 -2.48
CA ALA A 216 -5.94 28.30 -1.74
C ALA A 216 -4.66 27.70 -1.17
N GLU A 217 -4.85 26.86 -0.17
CA GLU A 217 -3.76 26.17 0.53
C GLU A 217 -4.31 24.95 1.28
N ILE A 218 -3.41 24.08 1.74
CA ILE A 218 -3.74 22.83 2.45
C ILE A 218 -2.46 22.10 2.89
N LYS A 219 -2.64 21.31 3.94
CA LYS A 219 -1.56 20.48 4.54
C LYS A 219 -1.89 19.01 4.22
N ILE A 220 -0.93 18.34 3.60
CA ILE A 220 -1.11 16.93 3.18
C ILE A 220 -0.26 15.95 4.01
N GLY A 221 0.36 16.45 5.07
CA GLY A 221 1.20 15.61 5.94
C GLY A 221 1.90 16.46 6.99
N ILE A 222 2.87 15.82 7.64
CA ILE A 222 3.67 16.46 8.69
C ILE A 222 5.03 16.89 8.11
N GLU A 223 5.42 16.20 7.05
CA GLU A 223 6.68 16.45 6.33
C GLU A 223 6.55 15.98 4.87
N ALA A 224 6.95 16.87 3.97
CA ALA A 224 6.90 16.61 2.51
C ALA A 224 8.04 17.36 1.81
N ARG A 225 8.11 17.17 0.48
CA ARG A 225 9.16 17.79 -0.34
C ARG A 225 8.73 18.07 -1.79
N SER A 226 7.76 17.31 -2.30
CA SER A 226 7.33 17.48 -3.71
C SER A 226 5.83 17.74 -3.87
N VAL A 227 5.57 18.39 -5.01
CA VAL A 227 4.24 18.79 -5.52
C VAL A 227 4.33 18.88 -7.04
N GLU A 228 3.24 18.54 -7.71
CA GLU A 228 3.19 18.57 -9.19
C GLU A 228 1.75 18.76 -9.70
N SER A 229 1.69 19.17 -10.96
CA SER A 229 0.41 19.42 -11.66
C SER A 229 0.30 18.55 -12.92
N SER A 230 -0.94 18.19 -13.24
CA SER A 230 -1.27 17.36 -14.42
C SER A 230 -0.89 18.11 -15.69
N LYS A 231 -0.01 17.50 -16.48
CA LYS A 231 0.49 18.13 -17.71
C LYS A 231 0.09 17.37 -18.98
N PHE A 232 -0.75 16.35 -18.86
CA PHE A 232 -1.19 15.61 -20.05
C PHE A 232 -2.21 16.48 -20.80
N LYS A 233 -2.10 16.46 -22.10
CA LYS A 233 -2.97 17.26 -22.98
C LYS A 233 -4.46 17.05 -22.65
N GLY A 234 -5.10 18.17 -22.35
CA GLY A 234 -6.54 18.22 -22.04
C GLY A 234 -6.81 18.13 -20.54
N TYR A 235 -5.76 18.17 -19.75
CA TYR A 235 -5.88 18.08 -18.28
C TYR A 235 -5.19 19.26 -17.58
N GLU A 236 -5.21 20.39 -18.25
CA GLU A 236 -4.62 21.63 -17.73
C GLU A 236 -5.35 22.08 -16.46
N ASP A 237 -4.59 22.14 -15.38
CA ASP A 237 -5.08 22.55 -14.05
C ASP A 237 -6.22 21.65 -13.56
N ARG A 238 -6.13 20.38 -13.93
CA ARG A 238 -7.15 19.39 -13.56
C ARG A 238 -6.88 18.79 -12.18
N TYR A 239 -5.63 18.44 -11.93
CA TYR A 239 -5.23 17.85 -10.65
C TYR A 239 -3.83 18.31 -10.21
N THR A 240 -3.67 18.22 -8.90
CA THR A 240 -2.44 18.59 -8.20
C THR A 240 -2.10 17.49 -7.18
N ILE A 241 -0.92 16.93 -7.33
CA ILE A 241 -0.44 15.86 -6.46
C ILE A 241 0.77 16.32 -5.64
N ALA A 242 0.92 15.65 -4.51
CA ALA A 242 2.01 15.94 -3.55
C ALA A 242 2.37 14.66 -2.79
N GLY A 243 3.66 14.56 -2.51
CA GLY A 243 4.25 13.42 -1.77
C GLY A 243 4.75 13.91 -0.40
N ALA A 244 4.54 13.07 0.60
CA ALA A 244 4.95 13.37 1.98
C ALA A 244 6.02 12.40 2.46
N TYR A 245 6.73 12.75 3.39
CA TYR A 245 7.71 11.94 4.10
C TYR A 245 6.89 11.27 5.20
N TRP A 246 6.22 12.06 6.03
CA TRP A 246 5.33 11.53 7.06
C TRP A 246 3.93 12.16 6.96
N PRO A 247 2.90 11.31 6.84
CA PRO A 247 3.01 9.84 6.77
C PRO A 247 3.52 9.43 5.39
N PRO A 248 3.94 8.14 5.24
CA PRO A 248 4.42 7.62 3.94
C PRO A 248 3.20 7.53 3.03
N GLN A 249 2.88 8.54 2.34
CA GLN A 249 1.76 8.63 1.41
C GLN A 249 1.91 9.82 0.46
N PHE A 250 0.97 9.84 -0.46
CA PHE A 250 0.82 10.89 -1.47
C PHE A 250 -0.68 11.09 -1.69
N ALA A 251 -1.04 12.32 -1.98
CA ALA A 251 -2.46 12.67 -2.17
C ALA A 251 -2.67 13.50 -3.43
N ILE A 252 -3.83 13.26 -4.01
CA ILE A 252 -4.30 13.95 -5.21
C ILE A 252 -5.46 14.87 -4.83
N MET A 253 -5.38 16.08 -5.31
CA MET A 253 -6.41 17.10 -5.03
C MET A 253 -6.83 17.81 -6.31
N ASP A 254 -7.89 18.58 -6.16
CA ASP A 254 -8.46 19.38 -7.24
C ASP A 254 -7.44 20.43 -7.65
N GLY A 255 -7.11 20.39 -8.92
CA GLY A 255 -6.11 21.30 -9.50
C GLY A 255 -6.61 22.74 -9.58
N GLU A 256 -7.85 22.95 -9.18
CA GLU A 256 -8.45 24.30 -9.23
C GLU A 256 -8.74 24.88 -7.84
N THR A 257 -9.08 24.00 -6.90
CA THR A 257 -9.42 24.45 -5.52
C THR A 257 -8.50 23.79 -4.45
N LEU A 258 -7.81 22.75 -4.85
CA LEU A 258 -6.88 22.04 -3.95
C LEU A 258 -7.62 21.10 -3.00
N GLU A 259 -8.90 20.90 -3.27
CA GLU A 259 -9.75 20.03 -2.42
C GLU A 259 -9.20 18.60 -2.40
N PRO A 260 -8.92 18.03 -1.22
CA PRO A 260 -8.40 16.67 -1.13
C PRO A 260 -9.39 15.71 -1.75
N LYS A 261 -8.86 14.82 -2.60
CA LYS A 261 -9.68 13.82 -3.31
C LYS A 261 -9.29 12.38 -2.90
N GLN A 262 -8.03 12.05 -3.12
CA GLN A 262 -7.50 10.71 -2.80
C GLN A 262 -6.19 10.78 -2.01
N ILE A 263 -6.01 9.74 -1.23
CA ILE A 263 -4.84 9.54 -0.36
C ILE A 263 -4.41 8.07 -0.42
N VAL A 264 -3.17 7.86 -0.81
CA VAL A 264 -2.61 6.51 -0.95
C VAL A 264 -1.32 6.35 -0.15
N SER A 265 -1.27 5.23 0.57
CA SER A 265 -0.12 4.86 1.42
C SER A 265 0.95 4.21 0.55
N THR A 266 2.20 4.50 0.88
CA THR A 266 3.36 3.98 0.14
C THR A 266 4.03 2.82 0.89
N ARG A 267 3.54 2.57 2.10
CA ARG A 267 4.07 1.47 2.93
C ARG A 267 3.95 0.17 2.13
N GLY A 268 5.05 -0.53 1.98
CA GLY A 268 5.05 -1.79 1.21
C GLY A 268 6.42 -2.48 1.23
N MET A 269 6.52 -3.42 0.31
CA MET A 269 7.72 -4.25 0.11
C MET A 269 8.76 -3.54 -0.75
N THR A 270 10.00 -3.85 -0.43
CA THR A 270 11.17 -3.30 -1.12
C THR A 270 11.34 -4.03 -2.46
N VAL A 271 12.12 -3.40 -3.32
CA VAL A 271 12.38 -3.92 -4.67
C VAL A 271 13.52 -4.97 -4.68
N ASP A 272 14.47 -4.78 -3.79
CA ASP A 272 15.64 -5.69 -3.72
C ASP A 272 15.34 -6.95 -2.88
N THR A 273 15.14 -6.75 -1.58
CA THR A 273 14.89 -7.86 -0.63
C THR A 273 13.42 -8.31 -0.64
N GLN A 274 12.57 -7.45 -1.14
CA GLN A 274 11.13 -7.72 -1.24
C GLN A 274 10.55 -8.04 0.15
N THR A 275 10.98 -7.23 1.10
CA THR A 275 10.55 -7.33 2.50
C THR A 275 9.80 -6.04 2.84
N TYR A 276 9.03 -6.10 3.91
CA TYR A 276 8.22 -4.95 4.34
C TYR A 276 9.08 -3.85 4.98
N HIS A 277 8.76 -2.62 4.58
CA HIS A 277 9.44 -1.38 5.07
C HIS A 277 8.37 -0.42 5.61
N PRO A 278 8.25 -0.30 6.92
CA PRO A 278 7.25 0.56 7.55
C PRO A 278 7.34 2.07 7.24
N GLU A 279 8.25 2.55 6.40
CA GLU A 279 8.32 4.03 6.17
C GLU A 279 8.83 4.46 4.78
N PRO A 280 8.48 3.82 3.66
CA PRO A 280 8.95 4.27 2.35
C PRO A 280 8.46 5.70 2.06
N ARG A 281 9.40 6.66 2.10
CA ARG A 281 9.11 8.11 1.86
C ARG A 281 9.04 8.41 0.35
N VAL A 282 8.15 9.35 0.03
CA VAL A 282 7.93 9.80 -1.37
C VAL A 282 8.90 10.95 -1.70
N ALA A 283 9.56 10.77 -2.82
CA ALA A 283 10.56 11.74 -3.32
C ALA A 283 9.96 12.59 -4.45
N ALA A 284 10.76 12.70 -5.50
CA ALA A 284 10.42 13.48 -6.70
C ALA A 284 9.19 12.91 -7.41
N ILE A 285 8.48 13.84 -8.03
CA ILE A 285 7.25 13.56 -8.80
C ILE A 285 7.27 14.40 -10.08
N ILE A 286 6.90 13.75 -11.16
CA ILE A 286 6.85 14.40 -12.49
C ILE A 286 5.63 13.92 -13.27
N ALA A 287 5.03 14.87 -13.96
CA ALA A 287 3.82 14.65 -14.77
C ALA A 287 4.21 14.15 -16.17
N SER A 288 3.59 13.04 -16.53
CA SER A 288 3.81 12.39 -17.83
C SER A 288 3.08 13.17 -18.94
N HIS A 289 3.63 13.06 -20.12
CA HIS A 289 3.10 13.73 -21.32
C HIS A 289 2.61 12.70 -22.34
N GLU A 290 2.92 11.45 -22.06
CA GLU A 290 2.56 10.32 -22.93
C GLU A 290 1.22 9.71 -22.53
N HIS A 291 0.92 9.78 -21.23
CA HIS A 291 -0.34 9.23 -20.68
C HIS A 291 -0.83 10.08 -19.51
N PRO A 292 -2.15 10.26 -19.37
CA PRO A 292 -2.69 11.03 -18.26
C PRO A 292 -2.33 10.38 -16.94
N GLU A 293 -1.06 10.52 -16.54
CA GLU A 293 -0.56 9.92 -15.28
C GLU A 293 0.56 10.75 -14.63
N PHE A 294 0.75 10.41 -13.36
CA PHE A 294 1.78 11.02 -12.48
C PHE A 294 2.85 9.98 -12.15
N ILE A 295 4.08 10.36 -12.34
CA ILE A 295 5.23 9.49 -12.03
C ILE A 295 5.83 9.89 -10.68
N VAL A 296 5.58 9.01 -9.71
CA VAL A 296 6.02 9.21 -8.33
C VAL A 296 7.15 8.23 -7.95
N ASN A 297 8.11 8.79 -7.23
CA ASN A 297 9.30 8.07 -6.73
C ASN A 297 9.14 7.72 -5.25
N VAL A 298 9.38 6.45 -4.96
CA VAL A 298 9.31 5.91 -3.58
C VAL A 298 10.70 5.40 -3.16
N LYS A 299 11.36 6.30 -2.46
CA LYS A 299 12.74 6.12 -1.94
C LYS A 299 13.05 4.67 -1.51
N GLU A 300 13.07 4.53 -0.20
CA GLU A 300 13.40 3.28 0.54
C GLU A 300 12.98 1.96 -0.17
N THR A 301 11.81 1.93 -0.77
CA THR A 301 11.33 0.70 -1.46
C THR A 301 11.78 0.66 -2.93
N GLY A 302 12.34 1.77 -3.36
CA GLY A 302 12.87 1.94 -4.74
C GLY A 302 11.83 1.51 -5.78
N LYS A 303 10.69 2.18 -5.71
CA LYS A 303 9.57 1.93 -6.64
C LYS A 303 9.11 3.23 -7.29
N VAL A 304 8.78 3.10 -8.55
CA VAL A 304 8.28 4.21 -9.39
C VAL A 304 6.85 3.88 -9.82
N LEU A 305 5.93 4.64 -9.28
CA LEU A 305 4.50 4.45 -9.54
C LEU A 305 3.98 5.39 -10.63
N LEU A 306 3.18 4.78 -11.49
CA LEU A 306 2.52 5.46 -12.62
C LEU A 306 1.04 5.61 -12.27
N VAL A 307 0.76 6.65 -11.50
CA VAL A 307 -0.60 6.96 -11.02
C VAL A 307 -1.43 7.67 -12.08
N ASN A 308 -2.34 6.88 -12.65
CA ASN A 308 -3.28 7.33 -13.69
C ASN A 308 -4.46 8.08 -13.06
N TYR A 309 -4.71 9.29 -13.57
CA TYR A 309 -5.82 10.13 -13.05
C TYR A 309 -6.96 10.31 -14.06
N LYS A 310 -7.02 9.42 -15.03
CA LYS A 310 -8.08 9.44 -16.06
C LYS A 310 -9.44 9.26 -15.36
N ASP A 311 -9.38 8.44 -14.33
CA ASP A 311 -10.53 8.10 -13.46
C ASP A 311 -10.04 8.17 -12.02
N ILE A 312 -10.16 9.34 -11.45
CA ILE A 312 -9.69 9.61 -10.08
C ILE A 312 -10.52 8.88 -9.00
N ASP A 313 -11.68 8.36 -9.39
CA ASP A 313 -12.56 7.63 -8.44
C ASP A 313 -12.02 6.20 -8.21
N ASN A 314 -11.61 5.59 -9.30
CA ASN A 314 -11.01 4.25 -9.30
C ASN A 314 -9.60 4.38 -9.87
N LEU A 315 -8.70 4.66 -8.96
CA LEU A 315 -7.28 4.87 -9.26
C LEU A 315 -6.58 3.58 -9.71
N THR A 316 -5.86 3.72 -10.81
CA THR A 316 -5.07 2.63 -11.39
C THR A 316 -3.60 3.02 -11.27
N VAL A 317 -2.84 2.12 -10.68
CA VAL A 317 -1.40 2.36 -10.47
C VAL A 317 -0.56 1.20 -10.95
N THR A 318 0.48 1.57 -11.66
CA THR A 318 1.46 0.63 -12.20
C THR A 318 2.75 0.82 -11.39
N SER A 319 3.15 -0.25 -10.73
CA SER A 319 4.35 -0.23 -9.88
C SER A 319 5.54 -0.84 -10.63
N ILE A 320 6.54 0.00 -10.83
CA ILE A 320 7.78 -0.38 -11.51
C ILE A 320 8.95 -0.35 -10.55
N GLY A 321 9.57 -1.50 -10.40
CA GLY A 321 10.73 -1.67 -9.54
C GLY A 321 11.96 -1.08 -10.22
N ALA A 322 12.70 -0.30 -9.48
CA ALA A 322 13.91 0.36 -9.99
C ALA A 322 15.12 -0.05 -9.14
N ALA A 323 15.46 0.81 -8.19
CA ALA A 323 16.60 0.57 -7.28
C ALA A 323 16.38 1.37 -6.00
N PRO A 324 16.81 0.85 -4.84
CA PRO A 324 16.63 1.55 -3.56
C PRO A 324 17.25 2.95 -3.51
N PHE A 325 16.54 3.75 -2.73
CA PHE A 325 16.87 5.16 -2.39
C PHE A 325 16.70 6.15 -3.58
N LEU A 326 15.54 6.06 -4.23
CA LEU A 326 15.18 6.98 -5.34
C LEU A 326 15.07 8.38 -4.75
N HIS A 327 15.47 9.39 -5.49
CA HIS A 327 15.41 10.76 -4.97
C HIS A 327 14.88 11.76 -6.02
N ASP A 328 15.80 12.50 -6.64
CA ASP A 328 15.45 13.52 -7.66
C ASP A 328 15.67 12.96 -9.08
N GLY A 329 15.19 13.73 -10.06
CA GLY A 329 15.31 13.35 -11.49
C GLY A 329 14.56 14.34 -12.40
N GLY A 330 14.74 14.13 -13.69
CA GLY A 330 14.12 14.98 -14.73
C GLY A 330 14.07 14.24 -16.08
N TRP A 331 13.31 14.84 -16.98
CA TRP A 331 13.10 14.33 -18.36
C TRP A 331 14.37 14.43 -19.20
N ASP A 332 14.39 13.61 -20.24
CA ASP A 332 15.48 13.64 -21.22
C ASP A 332 15.08 14.78 -22.16
N SER A 333 15.81 14.98 -23.23
CA SER A 333 15.50 16.10 -24.14
C SER A 333 14.11 15.94 -24.80
N SER A 334 13.69 14.70 -25.05
CA SER A 334 12.38 14.42 -25.73
C SER A 334 11.17 14.40 -24.75
N HIS A 335 11.46 14.41 -23.46
CA HIS A 335 10.41 14.42 -22.39
C HIS A 335 9.60 13.10 -22.35
N ARG A 336 10.28 12.02 -22.67
CA ARG A 336 9.64 10.69 -22.67
C ARG A 336 10.20 9.80 -21.56
N TYR A 337 11.50 9.91 -21.35
CA TYR A 337 12.22 9.10 -20.34
C TYR A 337 12.59 9.92 -19.10
N PHE A 338 12.17 9.41 -17.97
CA PHE A 338 12.45 10.01 -16.66
C PHE A 338 13.76 9.44 -16.11
N MET A 339 14.74 10.32 -16.02
CA MET A 339 16.08 9.99 -15.51
C MET A 339 16.13 10.38 -14.04
N THR A 340 16.03 9.39 -13.18
CA THR A 340 16.04 9.64 -11.73
C THR A 340 17.17 8.88 -11.06
N ALA A 341 17.66 9.48 -10.01
CA ALA A 341 18.78 8.93 -9.28
C ALA A 341 18.39 8.21 -7.99
N ALA A 342 19.04 7.07 -7.87
CA ALA A 342 18.96 6.19 -6.71
C ALA A 342 20.32 6.36 -6.02
N ASN A 343 20.46 7.58 -5.50
CA ASN A 343 21.69 8.10 -4.86
C ASN A 343 22.50 7.05 -4.04
N ASN A 344 21.97 6.51 -2.99
CA ASN A 344 22.77 5.57 -2.14
C ASN A 344 23.09 4.24 -2.87
N SER A 345 22.56 4.06 -4.06
CA SER A 345 22.81 2.83 -4.85
C SER A 345 23.82 3.14 -5.97
N ASN A 346 24.08 4.43 -6.13
CA ASN A 346 25.02 4.97 -7.13
C ASN A 346 24.58 4.61 -8.56
N LYS A 347 23.28 4.72 -8.79
CA LYS A 347 22.69 4.41 -10.11
C LYS A 347 21.62 5.42 -10.49
N VAL A 348 21.37 5.44 -11.78
CA VAL A 348 20.34 6.30 -12.38
C VAL A 348 19.37 5.39 -13.12
N ALA A 349 18.12 5.45 -12.72
CA ALA A 349 17.07 4.64 -13.33
C ALA A 349 16.43 5.41 -14.49
N VAL A 350 16.10 4.66 -15.52
CA VAL A 350 15.45 5.22 -16.71
C VAL A 350 14.07 4.62 -16.84
N ILE A 351 13.08 5.44 -16.64
CA ILE A 351 11.70 5.01 -16.73
C ILE A 351 11.06 5.56 -18.01
N ASP A 352 10.69 4.62 -18.85
CA ASP A 352 10.01 4.92 -20.11
C ASP A 352 8.56 5.19 -19.77
N SER A 353 8.18 6.44 -19.81
CA SER A 353 6.81 6.85 -19.47
C SER A 353 5.80 6.44 -20.57
N LYS A 354 6.30 6.27 -21.78
CA LYS A 354 5.45 5.89 -22.93
C LYS A 354 5.07 4.39 -22.86
N ASP A 355 6.09 3.55 -22.86
CA ASP A 355 5.91 2.08 -22.81
C ASP A 355 5.62 1.62 -21.37
N ARG A 356 5.87 2.54 -20.45
CA ARG A 356 5.61 2.36 -19.01
C ARG A 356 6.36 1.13 -18.43
N ARG A 357 7.68 1.23 -18.49
CA ARG A 357 8.60 0.19 -17.99
C ARG A 357 9.99 0.80 -17.71
N LEU A 358 10.79 0.02 -17.00
CA LEU A 358 12.17 0.42 -16.65
C LEU A 358 13.05 0.09 -17.86
N SER A 359 13.59 1.13 -18.47
CA SER A 359 14.43 0.99 -19.68
C SER A 359 15.85 0.51 -19.33
N ALA A 360 16.30 0.84 -18.12
CA ALA A 360 17.64 0.44 -17.67
C ALA A 360 18.03 1.07 -16.32
N LEU A 361 19.07 0.57 -15.76
CA LEU A 361 19.82 1.00 -14.57
C LEU A 361 21.28 1.26 -14.95
N VAL A 362 21.66 2.53 -14.89
CA VAL A 362 23.02 2.94 -15.26
C VAL A 362 23.87 3.25 -14.03
N ASP A 363 25.03 2.61 -14.02
CA ASP A 363 26.02 2.80 -12.95
C ASP A 363 26.75 4.12 -13.18
N VAL A 364 26.73 4.95 -12.15
CA VAL A 364 27.36 6.27 -12.20
C VAL A 364 28.37 6.41 -11.04
N GLY A 365 28.56 7.65 -10.61
CA GLY A 365 29.50 8.00 -9.53
C GLY A 365 28.90 7.80 -8.14
N LYS A 366 29.65 8.25 -7.15
CA LYS A 366 29.27 8.16 -5.73
C LYS A 366 28.21 9.21 -5.38
N THR A 367 27.05 8.68 -5.07
CA THR A 367 25.85 9.46 -4.68
C THR A 367 25.47 10.50 -5.74
N PRO A 368 24.89 10.09 -6.89
CA PRO A 368 24.46 11.01 -7.91
C PRO A 368 23.37 11.93 -7.37
N HIS A 369 23.45 13.20 -7.75
CA HIS A 369 22.44 14.23 -7.34
C HIS A 369 22.21 15.21 -8.50
N PRO A 370 21.55 14.74 -9.57
CA PRO A 370 21.26 15.52 -10.77
C PRO A 370 20.31 16.71 -10.62
N GLY A 371 19.39 16.60 -9.70
CA GLY A 371 18.36 17.63 -9.59
C GLY A 371 17.37 17.23 -10.69
N ARG A 372 17.26 18.05 -11.72
CA ARG A 372 16.38 17.71 -12.86
C ARG A 372 17.26 17.28 -14.05
N GLY A 373 18.56 17.50 -13.88
CA GLY A 373 19.60 17.13 -14.88
C GLY A 373 19.83 18.23 -15.93
N ALA A 374 20.76 17.92 -16.84
CA ALA A 374 21.16 18.82 -17.93
C ALA A 374 21.29 18.03 -19.26
N ASN A 375 20.42 18.40 -20.19
CA ASN A 375 20.38 17.76 -21.52
C ASN A 375 21.04 18.64 -22.59
N PHE A 376 21.84 17.98 -23.40
CA PHE A 376 22.56 18.61 -24.53
C PHE A 376 23.04 17.52 -25.49
N VAL A 377 23.30 17.94 -26.71
CA VAL A 377 23.75 17.03 -27.77
C VAL A 377 25.27 17.00 -27.84
N HIS A 378 25.80 15.83 -27.53
CA HIS A 378 27.24 15.60 -27.56
C HIS A 378 27.69 15.49 -29.01
N PRO A 379 28.83 16.07 -29.37
CA PRO A 379 29.33 16.07 -30.75
C PRO A 379 29.57 14.68 -31.29
N LYS A 380 29.82 13.74 -30.42
CA LYS A 380 30.12 12.37 -30.85
C LYS A 380 29.05 11.34 -30.48
N TYR A 381 28.67 11.33 -29.22
CA TYR A 381 27.71 10.33 -28.68
C TYR A 381 26.22 10.71 -28.90
N GLY A 382 25.97 11.88 -29.46
CA GLY A 382 24.58 12.32 -29.73
C GLY A 382 23.90 12.85 -28.45
N PRO A 383 22.54 12.95 -28.42
CA PRO A 383 21.84 13.47 -27.25
C PRO A 383 22.13 12.66 -25.99
N VAL A 384 22.48 13.43 -24.93
CA VAL A 384 22.80 12.87 -23.59
C VAL A 384 22.10 13.69 -22.49
N TRP A 385 22.10 13.07 -21.31
CA TRP A 385 21.52 13.66 -20.08
C TRP A 385 22.55 13.59 -18.96
N SER A 386 22.87 14.67 -18.35
CA SER A 386 23.98 14.63 -17.41
C SER A 386 23.63 14.93 -15.96
N THR A 387 24.51 14.51 -15.06
CA THR A 387 24.32 14.70 -13.62
C THR A 387 25.67 14.81 -12.91
N SER A 388 25.71 15.60 -11.83
CA SER A 388 26.92 15.72 -11.04
C SER A 388 26.74 14.86 -9.78
N HIS A 389 27.69 14.92 -8.86
CA HIS A 389 27.62 14.07 -7.67
C HIS A 389 27.96 14.75 -6.34
N LEU A 390 27.45 14.17 -5.25
CA LEU A 390 27.72 14.63 -3.89
C LEU A 390 28.94 13.86 -3.36
N GLY A 391 29.04 12.60 -3.76
CA GLY A 391 30.14 11.75 -3.32
C GLY A 391 31.50 11.95 -3.97
N ASP A 392 31.54 12.53 -5.16
CA ASP A 392 32.81 12.80 -5.84
C ASP A 392 32.70 13.97 -6.81
N GLY A 393 33.77 14.21 -7.57
CA GLY A 393 33.79 15.39 -8.43
C GLY A 393 33.45 15.04 -9.90
N SER A 394 33.04 13.81 -10.13
CA SER A 394 32.70 13.35 -11.50
C SER A 394 31.32 13.86 -11.95
N ILE A 395 31.15 13.83 -13.24
CA ILE A 395 29.93 14.24 -13.94
C ILE A 395 29.67 13.21 -15.03
N SER A 396 28.56 12.51 -14.90
CA SER A 396 28.20 11.45 -15.84
C SER A 396 27.35 11.94 -17.02
N LEU A 397 27.76 11.52 -18.21
CA LEU A 397 27.03 11.80 -19.46
C LEU A 397 26.40 10.48 -19.89
N ILE A 398 25.08 10.46 -20.02
CA ILE A 398 24.37 9.22 -20.40
C ILE A 398 23.56 9.42 -21.69
N GLY A 399 23.77 8.51 -22.63
CA GLY A 399 23.08 8.53 -23.93
C GLY A 399 21.58 8.32 -23.70
N THR A 400 20.77 9.13 -24.37
CA THR A 400 19.31 9.04 -24.22
C THR A 400 18.57 8.94 -25.56
N ASP A 401 19.24 8.42 -26.57
CA ASP A 401 18.63 8.30 -27.92
C ASP A 401 18.64 6.85 -28.44
N PRO A 402 17.69 6.01 -28.01
CA PRO A 402 17.60 4.63 -28.49
C PRO A 402 17.36 4.54 -30.01
N LYS A 403 16.64 5.48 -30.58
CA LYS A 403 16.32 5.45 -32.03
C LYS A 403 17.55 5.68 -32.95
N ASN A 404 18.23 6.81 -32.81
CA ASN A 404 19.38 7.14 -33.71
C ASN A 404 20.78 6.82 -33.14
N HIS A 405 20.87 6.54 -31.86
CA HIS A 405 22.18 6.18 -31.23
C HIS A 405 21.99 5.02 -30.25
N PRO A 406 21.59 3.84 -30.77
CA PRO A 406 21.31 2.64 -29.97
C PRO A 406 22.51 2.12 -29.25
N GLN A 407 23.66 2.35 -29.84
CA GLN A 407 24.91 1.83 -29.30
C GLN A 407 25.34 2.60 -28.04
N TYR A 408 24.75 3.77 -27.84
CA TYR A 408 25.08 4.62 -26.68
C TYR A 408 23.90 4.81 -25.71
N ALA A 409 22.74 4.31 -26.08
CA ALA A 409 21.52 4.44 -25.26
C ALA A 409 21.66 3.76 -23.89
N TRP A 410 21.42 4.58 -22.87
CA TRP A 410 21.44 4.19 -21.44
C TRP A 410 22.83 3.70 -20.97
N LYS A 411 23.85 4.31 -21.52
CA LYS A 411 25.23 3.99 -21.14
C LYS A 411 25.93 5.24 -20.67
N LYS A 412 26.83 5.07 -19.72
CA LYS A 412 27.63 6.20 -19.24
C LYS A 412 28.66 6.40 -20.32
N VAL A 413 28.21 7.14 -21.30
CA VAL A 413 28.95 7.45 -22.51
C VAL A 413 30.28 8.18 -22.25
N ALA A 414 30.33 9.08 -21.29
CA ALA A 414 31.59 9.80 -20.98
C ALA A 414 31.51 10.41 -19.59
N GLU A 415 32.58 11.06 -19.21
CA GLU A 415 32.69 11.66 -17.88
C GLU A 415 33.50 12.96 -17.91
N LEU A 416 33.01 13.93 -17.17
CA LEU A 416 33.67 15.24 -17.01
C LEU A 416 34.09 15.31 -15.55
N GLN A 417 35.00 16.21 -15.22
CA GLN A 417 35.47 16.35 -13.82
C GLN A 417 35.35 17.82 -13.36
N GLY A 418 34.59 17.99 -12.29
CA GLY A 418 34.34 19.31 -11.68
C GLY A 418 35.36 19.63 -10.58
N GLN A 419 35.02 20.62 -9.77
CA GLN A 419 35.88 21.10 -8.68
C GLN A 419 36.04 20.08 -7.53
N GLY A 420 35.05 19.21 -7.36
CA GLY A 420 35.10 18.19 -6.28
C GLY A 420 33.69 17.74 -5.89
N GLY A 421 33.63 17.07 -4.76
CA GLY A 421 32.37 16.52 -4.23
C GLY A 421 31.49 17.65 -3.66
N GLY A 422 30.34 17.23 -3.16
CA GLY A 422 29.37 18.14 -2.54
C GLY A 422 28.54 18.92 -3.59
N SER A 423 28.53 18.42 -4.81
CA SER A 423 27.77 19.06 -5.89
C SER A 423 26.28 18.67 -5.78
N LEU A 424 25.44 19.63 -6.07
CA LEU A 424 23.99 19.49 -5.97
C LEU A 424 23.26 19.67 -7.33
N PHE A 425 23.76 20.59 -8.17
CA PHE A 425 23.07 20.87 -9.45
C PHE A 425 23.98 21.21 -10.65
N ILE A 426 23.56 20.67 -11.78
CA ILE A 426 24.21 20.89 -13.08
C ILE A 426 23.14 21.56 -13.96
N LYS A 427 23.55 22.46 -14.84
CA LYS A 427 22.55 23.19 -15.67
C LYS A 427 23.10 23.61 -17.05
N THR A 428 22.11 23.67 -17.99
CA THR A 428 22.34 24.16 -19.34
C THR A 428 21.01 24.62 -19.95
N HIS A 429 21.06 25.11 -21.19
CA HIS A 429 19.84 25.60 -21.85
C HIS A 429 20.00 25.35 -23.37
N PRO A 430 18.88 25.15 -24.09
CA PRO A 430 18.91 24.93 -25.53
C PRO A 430 19.67 26.01 -26.31
N LYS A 431 19.58 27.25 -25.85
CA LYS A 431 20.24 28.37 -26.49
C LYS A 431 21.67 28.59 -26.00
N SER A 432 22.05 27.91 -24.93
CA SER A 432 23.36 28.05 -24.32
C SER A 432 24.41 27.04 -24.78
N SER A 433 25.68 27.43 -24.67
CA SER A 433 26.80 26.55 -25.03
C SER A 433 27.66 26.29 -23.80
N HIS A 434 27.08 26.54 -22.62
CA HIS A 434 27.78 26.33 -21.36
C HIS A 434 27.07 25.33 -20.46
N LEU A 435 27.85 24.70 -19.58
CA LEU A 435 27.36 23.70 -18.64
C LEU A 435 27.89 24.09 -17.28
N TYR A 436 26.98 24.50 -16.38
CA TYR A 436 27.36 24.93 -15.03
C TYR A 436 27.11 23.88 -13.96
N VAL A 437 28.03 23.76 -13.00
CA VAL A 437 27.83 22.82 -11.91
C VAL A 437 28.30 23.45 -10.60
N ASP A 438 27.43 23.42 -9.60
CA ASP A 438 27.74 24.00 -8.30
C ASP A 438 28.44 22.98 -7.40
N THR A 439 28.74 23.39 -6.17
CA THR A 439 29.42 22.51 -5.22
C THR A 439 29.17 23.01 -3.80
N THR A 440 27.88 23.30 -3.58
CA THR A 440 27.30 23.80 -2.35
C THR A 440 27.81 23.21 -1.04
N PHE A 441 27.87 21.88 -0.97
CA PHE A 441 28.30 21.19 0.24
C PHE A 441 29.76 20.71 0.29
N ASN A 442 30.60 21.24 -0.60
CA ASN A 442 32.01 20.88 -0.58
C ASN A 442 32.59 21.50 0.70
N PRO A 443 33.36 20.73 1.49
CA PRO A 443 33.97 21.21 2.74
C PRO A 443 34.93 22.41 2.60
N ASP A 444 35.38 22.68 1.38
CA ASP A 444 36.27 23.81 1.15
C ASP A 444 35.42 25.06 0.85
N ALA A 445 35.67 26.13 1.60
CA ALA A 445 34.92 27.37 1.44
C ALA A 445 34.95 27.94 0.03
N ARG A 446 36.14 28.08 -0.53
CA ARG A 446 36.31 28.62 -1.87
C ARG A 446 35.58 27.81 -2.96
N ILE A 447 35.67 26.49 -2.88
CA ILE A 447 35.01 25.63 -3.85
C ILE A 447 33.49 25.75 -3.72
N SER A 448 32.99 25.76 -2.49
CA SER A 448 31.56 25.87 -2.22
C SER A 448 30.99 27.25 -2.53
N GLN A 449 31.86 28.27 -2.57
CA GLN A 449 31.44 29.64 -2.87
C GLN A 449 31.59 30.00 -4.34
N SER A 450 31.85 28.99 -5.18
CA SER A 450 32.03 29.20 -6.61
C SER A 450 31.43 28.05 -7.42
N VAL A 451 31.34 28.25 -8.74
CA VAL A 451 30.81 27.22 -9.63
C VAL A 451 31.77 26.96 -10.79
N ALA A 452 31.62 25.80 -11.42
CA ALA A 452 32.44 25.44 -12.56
C ALA A 452 31.60 25.60 -13.82
N VAL A 453 32.23 26.02 -14.92
CA VAL A 453 31.53 26.20 -16.19
C VAL A 453 32.30 25.49 -17.30
N PHE A 454 31.61 24.66 -18.06
CA PHE A 454 32.24 23.93 -19.17
C PHE A 454 31.81 24.52 -20.51
N ASP A 455 32.64 24.29 -21.52
CA ASP A 455 32.39 24.77 -22.88
C ASP A 455 31.86 23.56 -23.66
N LEU A 456 30.57 23.56 -23.97
CA LEU A 456 29.96 22.45 -24.71
C LEU A 456 30.48 22.33 -26.15
N LYS A 457 31.20 23.35 -26.60
CA LYS A 457 31.80 23.35 -27.94
C LYS A 457 33.25 22.87 -27.86
N ASN A 458 33.69 22.50 -26.67
CA ASN A 458 35.04 22.01 -26.47
C ASN A 458 35.13 21.34 -25.10
N LEU A 459 34.43 20.21 -24.97
CA LEU A 459 34.38 19.45 -23.72
C LEU A 459 35.70 18.92 -23.18
N ASP A 460 36.70 18.86 -24.05
CA ASP A 460 38.03 18.38 -23.65
C ASP A 460 38.72 19.42 -22.74
N ALA A 461 38.41 20.69 -22.97
CA ALA A 461 39.00 21.77 -22.17
C ALA A 461 38.49 21.73 -20.73
N LYS A 462 39.35 22.11 -19.79
CA LYS A 462 38.98 22.13 -18.37
C LYS A 462 37.98 23.26 -18.10
N TYR A 463 37.17 23.07 -17.05
CA TYR A 463 36.16 24.05 -16.66
C TYR A 463 36.78 25.37 -16.21
N GLN A 464 35.96 26.41 -16.16
CA GLN A 464 36.37 27.74 -15.70
C GLN A 464 35.69 27.94 -14.35
N VAL A 465 36.35 28.71 -13.47
CA VAL A 465 35.71 28.90 -12.16
C VAL A 465 35.22 30.35 -12.02
N LEU A 466 33.92 30.45 -11.82
CA LEU A 466 33.22 31.74 -11.64
C LEU A 466 33.06 32.02 -10.12
N PRO A 467 33.77 33.05 -9.57
CA PRO A 467 33.67 33.43 -8.13
C PRO A 467 32.32 34.05 -7.80
N ILE A 468 31.28 33.26 -7.76
CA ILE A 468 29.91 33.78 -7.49
C ILE A 468 29.77 34.56 -6.15
N ALA A 469 30.13 33.92 -5.05
CA ALA A 469 30.01 34.54 -3.71
C ALA A 469 30.86 35.82 -3.59
N GLU A 470 32.06 35.77 -4.13
CA GLU A 470 32.97 36.92 -4.08
C GLU A 470 32.38 38.11 -4.85
N TRP A 471 31.77 37.80 -5.97
CA TRP A 471 31.13 38.80 -6.85
C TRP A 471 29.96 39.51 -6.15
N ALA A 472 29.38 38.82 -5.17
CA ALA A 472 28.23 39.35 -4.42
C ALA A 472 28.66 40.45 -3.42
N ASP A 473 29.90 40.35 -2.95
CA ASP A 473 30.46 41.33 -1.98
C ASP A 473 29.51 41.41 -0.76
N LEU A 474 29.48 40.32 0.00
CA LEU A 474 28.58 40.20 1.17
C LEU A 474 29.27 40.21 2.55
N GLY A 475 30.56 39.96 2.60
CA GLY A 475 31.27 39.96 3.89
C GLY A 475 31.30 38.54 4.50
N GLU A 476 31.07 38.47 5.81
CA GLU A 476 31.11 37.19 6.56
C GLU A 476 29.91 36.28 6.26
N GLY A 477 30.11 35.02 6.62
CA GLY A 477 29.13 33.94 6.43
C GLY A 477 29.73 32.89 5.49
N ALA A 478 29.19 31.68 5.59
CA ALA A 478 29.65 30.54 4.77
C ALA A 478 29.47 30.88 3.26
N LYS A 479 28.42 31.62 2.99
CA LYS A 479 28.08 32.08 1.62
C LYS A 479 28.12 30.95 0.58
N ARG A 480 27.45 29.86 0.89
CA ARG A 480 27.39 28.71 -0.01
C ARG A 480 26.53 29.07 -1.23
N VAL A 481 27.04 28.75 -2.40
CA VAL A 481 26.33 29.02 -3.68
C VAL A 481 25.59 27.76 -4.11
N VAL A 482 24.37 27.94 -4.57
CA VAL A 482 23.57 26.78 -4.97
C VAL A 482 22.55 27.06 -6.12
N GLN A 483 22.43 25.97 -6.89
CA GLN A 483 21.50 25.73 -8.04
C GLN A 483 21.44 26.80 -9.17
N PRO A 484 22.27 26.69 -10.23
CA PRO A 484 22.18 27.61 -11.37
C PRO A 484 20.80 27.45 -12.04
N GLU A 485 20.24 28.57 -12.54
CA GLU A 485 18.92 28.59 -13.25
C GLU A 485 18.87 29.73 -14.28
N TYR A 486 18.49 29.38 -15.51
CA TYR A 486 18.40 30.35 -16.63
C TYR A 486 17.06 31.10 -16.66
N ASN A 487 17.08 32.18 -17.42
CA ASN A 487 15.89 33.00 -17.64
C ASN A 487 15.23 32.42 -18.90
N LYS A 488 14.05 32.86 -19.22
CA LYS A 488 13.30 32.34 -20.38
C LYS A 488 14.10 32.44 -21.70
N ARG A 489 14.86 33.53 -21.83
CA ARG A 489 15.69 33.82 -23.03
C ARG A 489 16.88 32.85 -23.14
N GLY A 490 17.44 32.53 -21.99
CA GLY A 490 18.57 31.60 -21.88
C GLY A 490 19.95 32.30 -21.94
N ASP A 491 19.95 33.63 -21.90
CA ASP A 491 21.24 34.38 -21.97
C ASP A 491 21.70 34.84 -20.56
N GLU A 492 20.91 34.51 -19.56
CA GLU A 492 21.22 34.84 -18.15
C GLU A 492 21.16 33.57 -17.29
N VAL A 493 22.07 33.49 -16.34
CA VAL A 493 22.13 32.35 -15.41
C VAL A 493 22.21 32.90 -13.98
N TRP A 494 21.21 32.53 -13.19
CA TRP A 494 21.09 32.99 -11.80
C TRP A 494 21.61 31.94 -10.81
N PHE A 495 22.15 32.46 -9.73
CA PHE A 495 22.72 31.64 -8.62
C PHE A 495 22.34 32.26 -7.28
N SER A 496 22.11 31.41 -6.32
CA SER A 496 21.76 31.84 -4.96
C SER A 496 22.98 31.77 -4.06
N VAL A 497 23.17 32.82 -3.30
CA VAL A 497 24.25 32.87 -2.30
C VAL A 497 23.54 32.75 -0.97
N TRP A 498 23.38 31.50 -0.61
CA TRP A 498 22.67 31.04 0.59
C TRP A 498 23.51 31.22 1.88
N ASN A 499 23.38 32.42 2.46
CA ASN A 499 24.07 32.77 3.71
C ASN A 499 23.10 32.60 4.89
N GLY A 500 23.64 32.68 6.09
CA GLY A 500 22.84 32.54 7.35
C GLY A 500 21.75 33.61 7.39
N LYS A 501 20.68 33.31 8.12
CA LYS A 501 19.51 34.21 8.23
C LYS A 501 19.86 35.55 8.92
N ASN A 502 20.93 35.56 9.71
CA ASN A 502 21.36 36.78 10.43
C ASN A 502 22.54 37.45 9.71
N ASP A 503 22.78 36.98 8.49
CA ASP A 503 23.84 37.49 7.62
C ASP A 503 23.18 38.08 6.38
N SER A 504 24.00 38.43 5.40
CA SER A 504 23.49 39.00 4.14
C SER A 504 23.68 38.00 3.00
N SER A 505 22.60 37.80 2.28
CA SER A 505 22.56 36.88 1.12
C SER A 505 22.30 37.70 -0.14
N ALA A 506 22.21 37.00 -1.27
CA ALA A 506 21.96 37.66 -2.55
C ALA A 506 21.84 36.62 -3.68
N LEU A 507 21.37 37.13 -4.81
CA LEU A 507 21.20 36.34 -6.03
C LEU A 507 22.18 36.87 -7.07
N VAL A 508 23.09 36.14 -7.58
CA VAL A 508 24.04 36.66 -8.58
C VAL A 508 23.60 36.22 -9.98
N VAL A 509 23.60 37.17 -10.91
CA VAL A 509 23.20 36.91 -12.29
C VAL A 509 24.37 37.08 -13.25
N VAL A 510 24.60 36.06 -14.08
CA VAL A 510 25.69 36.05 -15.05
C VAL A 510 25.23 36.09 -16.51
N ASP A 511 25.96 36.85 -17.33
CA ASP A 511 25.70 36.95 -18.76
C ASP A 511 26.29 35.66 -19.32
N ASP A 512 25.44 34.73 -19.76
CA ASP A 512 25.89 33.44 -20.28
C ASP A 512 26.74 33.55 -21.54
N LYS A 513 26.51 34.59 -22.33
CA LYS A 513 27.26 34.79 -23.56
C LYS A 513 28.72 35.21 -23.31
N THR A 514 28.96 35.91 -22.20
CA THR A 514 30.31 36.39 -21.89
C THR A 514 30.91 35.82 -20.61
N LEU A 515 30.08 35.16 -19.80
CA LEU A 515 30.51 34.58 -18.53
C LEU A 515 30.96 35.66 -17.54
N LYS A 516 30.43 36.86 -17.72
CA LYS A 516 30.75 38.02 -16.89
C LYS A 516 29.59 38.39 -15.96
N LEU A 517 29.92 38.93 -14.78
CA LEU A 517 28.91 39.36 -13.82
C LEU A 517 27.97 40.37 -14.49
N LYS A 518 26.67 40.17 -14.30
CA LYS A 518 25.67 41.05 -14.89
C LYS A 518 24.86 41.84 -13.87
N ALA A 519 24.56 41.22 -12.73
CA ALA A 519 23.77 41.87 -11.69
C ALA A 519 23.81 41.14 -10.34
N VAL A 520 23.54 41.88 -9.27
CA VAL A 520 23.51 41.32 -7.92
C VAL A 520 22.23 41.81 -7.25
N VAL A 521 21.41 40.86 -6.81
CA VAL A 521 20.14 41.18 -6.16
C VAL A 521 20.30 41.14 -4.64
N LYS A 522 20.16 42.30 -4.01
CA LYS A 522 20.24 42.42 -2.56
C LYS A 522 18.98 43.10 -2.08
N ASP A 523 18.49 42.65 -0.92
CA ASP A 523 17.27 43.19 -0.33
C ASP A 523 17.19 42.63 1.09
N PRO A 524 16.80 43.48 2.06
CA PRO A 524 16.71 42.98 3.44
C PRO A 524 15.69 41.83 3.60
N ARG A 525 14.78 41.71 2.63
CA ARG A 525 13.76 40.66 2.65
C ARG A 525 14.27 39.34 2.07
N LEU A 526 15.38 39.39 1.32
CA LEU A 526 15.97 38.19 0.72
C LEU A 526 16.76 37.39 1.76
N ILE A 527 16.03 36.61 2.57
CA ILE A 527 16.62 35.81 3.63
C ILE A 527 16.80 34.35 3.26
N THR A 528 18.04 33.86 3.43
CA THR A 528 18.40 32.47 3.11
C THR A 528 17.81 32.00 1.78
N PRO A 529 18.11 32.69 0.66
CA PRO A 529 17.58 32.27 -0.64
C PRO A 529 18.14 30.93 -1.07
N THR A 530 17.26 30.04 -1.51
CA THR A 530 17.69 28.72 -1.96
C THR A 530 17.25 28.46 -3.41
N GLY A 531 16.19 27.68 -3.58
CA GLY A 531 15.70 27.37 -4.91
C GLY A 531 15.05 28.51 -5.66
N LYS A 532 15.43 28.65 -6.92
CA LYS A 532 14.90 29.68 -7.81
C LYS A 532 14.27 28.93 -8.98
N PHE A 533 13.04 29.31 -9.35
CA PHE A 533 12.37 28.65 -10.46
C PHE A 533 11.75 29.62 -11.45
N ASN A 534 12.38 29.75 -12.61
CA ASN A 534 11.86 30.62 -13.68
C ASN A 534 10.55 30.00 -14.15
N VAL A 535 9.49 30.80 -14.20
CA VAL A 535 8.17 30.34 -14.59
C VAL A 535 8.12 29.52 -15.89
N TYR A 536 8.62 30.09 -16.98
CA TYR A 536 8.60 29.39 -18.27
C TYR A 536 9.40 28.09 -18.30
N ASN A 537 10.65 28.13 -17.85
CA ASN A 537 11.51 26.95 -17.86
C ASN A 537 11.03 25.82 -16.96
N THR A 538 10.32 26.18 -15.88
CA THR A 538 9.79 25.19 -14.97
C THR A 538 8.56 24.56 -15.60
N GLN A 539 7.66 25.41 -16.06
CA GLN A 539 6.41 24.98 -16.69
C GLN A 539 6.61 24.08 -17.90
N HIS A 540 7.60 24.41 -18.73
CA HIS A 540 7.87 23.62 -19.93
C HIS A 540 9.07 22.67 -19.84
N ASP A 541 9.54 22.43 -18.62
CA ASP A 541 10.68 21.55 -18.39
C ASP A 541 11.86 21.80 -19.32
N VAL A 542 12.33 23.04 -19.34
CA VAL A 542 13.44 23.44 -20.18
C VAL A 542 14.76 23.31 -19.41
N TYR A 543 15.44 22.20 -19.65
CA TYR A 543 16.72 21.90 -19.02
C TYR A 543 17.41 20.79 -19.78
N LYS B 5 31.55 13.51 3.78
CA LYS B 5 30.93 14.49 4.73
C LYS B 5 29.98 15.45 4.03
N ALA B 6 30.13 15.58 2.71
CA ALA B 6 29.26 16.45 1.92
C ALA B 6 27.81 15.97 2.00
N ALA B 7 27.60 14.68 1.75
CA ALA B 7 26.25 14.08 1.81
C ALA B 7 25.71 14.04 3.24
N GLU B 8 26.62 14.06 4.21
CA GLU B 8 26.23 14.04 5.61
C GLU B 8 25.61 15.38 6.02
N GLN B 9 26.16 16.48 5.48
CA GLN B 9 25.65 17.83 5.75
C GLN B 9 24.42 18.11 4.89
N TYR B 10 24.35 17.40 3.75
CA TYR B 10 23.23 17.50 2.82
C TYR B 10 21.96 17.02 3.53
N GLN B 11 22.07 15.90 4.25
CA GLN B 11 20.95 15.31 4.99
C GLN B 11 21.03 15.64 6.49
N GLY B 12 21.70 16.75 6.81
CA GLY B 12 21.88 17.14 8.20
C GLY B 12 20.82 17.97 8.91
N ALA B 13 20.03 18.74 8.17
CA ALA B 13 18.99 19.59 8.76
C ALA B 13 17.98 18.80 9.59
N ALA B 14 17.29 19.50 10.48
CA ALA B 14 16.28 18.89 11.34
C ALA B 14 15.06 18.44 10.54
N SER B 15 14.41 17.40 11.03
CA SER B 15 13.20 16.89 10.40
C SER B 15 12.11 17.93 10.64
N ALA B 16 11.12 18.00 9.76
CA ALA B 16 10.02 18.95 9.92
C ALA B 16 9.08 18.46 11.02
N VAL B 17 9.25 17.19 11.39
CA VAL B 17 8.44 16.58 12.44
C VAL B 17 8.74 17.25 13.80
N ASP B 18 7.68 17.63 14.50
CA ASP B 18 7.79 18.29 15.82
C ASP B 18 7.91 17.23 16.91
N PRO B 19 9.04 17.20 17.63
CA PRO B 19 9.32 16.25 18.71
C PRO B 19 8.21 16.21 19.78
N ALA B 20 7.56 17.35 20.00
CA ALA B 20 6.49 17.48 20.98
C ALA B 20 5.20 16.74 20.62
N HIS B 21 5.07 16.36 19.34
CA HIS B 21 3.89 15.64 18.87
C HIS B 21 4.16 14.17 18.61
N VAL B 22 5.41 13.76 18.80
CA VAL B 22 5.82 12.37 18.65
C VAL B 22 5.61 11.84 20.07
N VAL B 23 4.71 10.88 20.22
CA VAL B 23 4.38 10.37 21.54
C VAL B 23 4.88 8.99 21.96
N ARG B 24 5.31 8.92 23.22
CA ARG B 24 5.79 7.68 23.83
C ARG B 24 4.56 7.00 24.43
N THR B 25 4.33 5.75 24.05
CA THR B 25 3.17 5.00 24.53
C THR B 25 3.37 4.31 25.88
N ASN B 26 2.46 4.59 26.80
CA ASN B 26 2.45 3.99 28.15
C ASN B 26 1.37 4.55 29.09
N GLY B 27 1.50 4.24 30.38
CA GLY B 27 0.52 4.67 31.35
C GLY B 27 -0.42 3.49 31.62
N ALA B 28 0.07 2.33 31.25
CA ALA B 28 -0.70 1.09 31.39
C ALA B 28 -0.38 0.42 32.73
N PRO B 29 -1.34 -0.36 33.30
CA PRO B 29 -1.14 -1.06 34.58
C PRO B 29 -0.06 -2.09 34.46
N ASP B 30 0.82 -2.12 35.43
CA ASP B 30 1.94 -3.08 35.43
C ASP B 30 1.45 -4.53 35.52
N MET B 31 2.15 -5.38 34.79
CA MET B 31 1.89 -6.82 34.78
C MET B 31 3.20 -7.52 34.37
N SER B 32 3.48 -8.60 35.09
CA SER B 32 4.70 -9.39 34.87
C SER B 32 4.61 -10.16 33.57
N GLU B 33 5.68 -10.86 33.27
CA GLU B 33 5.76 -11.66 32.05
C GLU B 33 4.68 -12.74 32.09
N SER B 34 4.59 -13.38 33.24
CA SER B 34 3.61 -14.45 33.49
C SER B 34 2.17 -13.96 33.26
N GLU B 35 1.89 -12.76 33.72
CA GLU B 35 0.56 -12.16 33.60
C GLU B 35 0.25 -11.72 32.16
N PHE B 36 1.17 -10.99 31.59
CA PHE B 36 1.05 -10.47 30.22
C PHE B 36 0.86 -11.62 29.23
N ASN B 37 1.66 -12.65 29.39
CA ASN B 37 1.63 -13.83 28.49
C ASN B 37 0.32 -14.61 28.63
N GLU B 38 -0.22 -14.66 29.83
CA GLU B 38 -1.47 -15.39 30.06
C GLU B 38 -2.62 -14.67 29.34
N ALA B 39 -2.61 -13.35 29.44
CA ALA B 39 -3.63 -12.50 28.80
C ALA B 39 -3.53 -12.58 27.28
N LYS B 40 -2.31 -12.54 26.80
CA LYS B 40 -2.01 -12.60 25.35
C LYS B 40 -2.54 -13.91 24.75
N GLN B 41 -2.38 -14.98 25.50
CA GLN B 41 -2.83 -16.30 25.06
C GLN B 41 -4.35 -16.32 24.92
N ILE B 42 -5.02 -15.71 25.87
CA ILE B 42 -6.48 -15.63 25.85
C ILE B 42 -6.93 -14.73 24.71
N TYR B 43 -6.19 -13.66 24.49
CA TYR B 43 -6.56 -12.71 23.44
C TYR B 43 -6.61 -13.38 22.06
N PHE B 44 -5.56 -14.10 21.70
CA PHE B 44 -5.51 -14.73 20.37
C PHE B 44 -6.45 -15.95 20.27
N GLN B 45 -6.74 -16.56 21.39
CA GLN B 45 -7.64 -17.73 21.40
C GLN B 45 -9.13 -17.32 21.36
N ARG B 46 -9.44 -16.22 22.03
CA ARG B 46 -10.86 -15.78 22.14
C ARG B 46 -11.22 -14.41 21.52
N CYS B 47 -10.27 -13.51 21.43
CA CYS B 47 -10.61 -12.14 20.97
C CYS B 47 -10.06 -11.69 19.59
N ALA B 48 -8.95 -12.26 19.17
CA ALA B 48 -8.28 -11.86 17.90
C ALA B 48 -9.14 -12.01 16.61
N GLY B 49 -9.89 -13.08 16.52
CA GLY B 49 -10.74 -13.34 15.33
C GLY B 49 -11.53 -12.09 14.90
N CYS B 50 -12.16 -11.47 15.88
CA CYS B 50 -13.00 -10.27 15.65
C CYS B 50 -12.23 -8.95 15.71
N HIS B 51 -11.42 -8.80 16.74
CA HIS B 51 -10.67 -7.54 16.99
C HIS B 51 -9.33 -7.41 16.23
N GLY B 52 -8.87 -8.48 15.63
CA GLY B 52 -7.60 -8.45 14.87
C GLY B 52 -6.37 -8.44 15.80
N VAL B 53 -5.24 -8.60 15.17
CA VAL B 53 -3.95 -8.65 15.86
C VAL B 53 -3.59 -7.29 16.48
N LEU B 54 -3.90 -6.22 15.74
CA LEU B 54 -3.56 -4.85 16.19
C LEU B 54 -4.78 -4.13 16.85
N ARG B 55 -5.82 -4.93 17.05
CA ARG B 55 -7.09 -4.55 17.74
C ARG B 55 -7.95 -3.43 17.09
N LYS B 56 -7.95 -3.35 15.78
CA LYS B 56 -8.77 -2.33 15.08
C LYS B 56 -9.66 -3.02 14.04
N GLY B 57 -9.90 -4.31 14.29
CA GLY B 57 -10.66 -5.18 13.36
C GLY B 57 -12.20 -5.19 13.52
N ALA B 58 -12.70 -4.88 14.69
CA ALA B 58 -14.18 -4.91 14.91
C ALA B 58 -14.81 -3.52 14.77
N THR B 59 -16.17 -3.52 14.72
CA THR B 59 -16.88 -2.23 14.71
C THR B 59 -16.76 -1.57 16.08
N GLY B 60 -17.07 -0.30 16.13
CA GLY B 60 -16.98 0.47 17.36
C GLY B 60 -15.53 0.92 17.60
N LYS B 61 -15.28 1.33 18.83
CA LYS B 61 -13.96 1.84 19.25
C LYS B 61 -12.89 0.72 19.33
N PRO B 62 -11.68 0.99 18.78
CA PRO B 62 -10.57 0.02 18.82
C PRO B 62 -10.12 -0.20 20.25
N LEU B 63 -9.41 -1.31 20.45
CA LEU B 63 -8.87 -1.65 21.78
C LEU B 63 -7.41 -1.20 21.91
N THR B 64 -7.12 -0.05 21.31
CA THR B 64 -5.76 0.52 21.33
C THR B 64 -5.59 1.33 22.63
N PRO B 65 -4.36 1.47 23.13
CA PRO B 65 -4.12 2.15 24.40
C PRO B 65 -4.66 3.58 24.47
N ASP B 66 -4.88 4.25 23.36
CA ASP B 66 -5.40 5.65 23.43
C ASP B 66 -6.88 5.66 23.89
N ILE B 67 -7.62 4.64 23.52
CA ILE B 67 -9.06 4.55 23.89
C ILE B 67 -9.25 3.79 25.21
N THR B 68 -8.60 2.64 25.32
CA THR B 68 -8.73 1.76 26.52
C THR B 68 -8.30 2.46 27.82
N GLN B 69 -7.29 3.31 27.73
CA GLN B 69 -6.82 4.01 28.93
C GLN B 69 -7.80 5.15 29.27
N GLN B 70 -8.48 5.61 28.24
CA GLN B 70 -9.48 6.67 28.39
C GLN B 70 -10.67 6.09 29.19
N ARG B 71 -11.06 4.88 28.79
CA ARG B 71 -12.17 4.16 29.44
C ARG B 71 -11.82 3.86 30.91
N GLY B 72 -10.67 3.22 31.10
CA GLY B 72 -10.19 2.85 32.47
C GLY B 72 -10.51 1.38 32.80
N GLN B 73 -9.79 0.88 33.81
CA GLN B 73 -9.90 -0.51 34.31
C GLN B 73 -11.36 -0.96 34.53
N GLN B 74 -12.05 -0.21 35.37
CA GLN B 74 -13.45 -0.51 35.74
C GLN B 74 -14.38 -0.64 34.53
N TYR B 75 -14.34 0.37 33.67
CA TYR B 75 -15.19 0.38 32.46
C TYR B 75 -14.93 -0.87 31.61
N LEU B 76 -13.65 -1.14 31.41
CA LEU B 76 -13.17 -2.27 30.59
C LEU B 76 -13.61 -3.63 31.18
N GLU B 77 -13.42 -3.80 32.48
CA GLU B 77 -13.79 -5.05 33.14
C GLU B 77 -15.30 -5.28 33.02
N ALA B 78 -16.03 -4.19 33.18
CA ALA B 78 -17.50 -4.20 33.12
C ALA B 78 -17.99 -4.56 31.71
N LEU B 79 -17.34 -4.02 30.70
CA LEU B 79 -17.73 -4.28 29.32
C LEU B 79 -17.40 -5.72 28.90
N ILE B 80 -16.26 -6.19 29.33
CA ILE B 80 -15.83 -7.55 29.00
C ILE B 80 -16.72 -8.57 29.74
N THR B 81 -17.12 -8.20 30.94
CA THR B 81 -17.94 -9.07 31.79
C THR B 81 -19.38 -9.26 31.25
N TYR B 82 -20.03 -8.17 30.84
CA TYR B 82 -21.44 -8.25 30.38
C TYR B 82 -21.65 -8.15 28.85
N GLY B 83 -20.64 -7.73 28.14
CA GLY B 83 -20.71 -7.61 26.66
C GLY B 83 -21.71 -6.49 26.27
N THR B 84 -22.02 -6.36 24.96
CA THR B 84 -22.92 -5.31 24.47
C THR B 84 -23.85 -5.94 23.45
N PRO B 85 -25.04 -5.35 23.22
CA PRO B 85 -26.00 -5.89 22.27
C PRO B 85 -25.61 -5.68 20.80
N LEU B 86 -24.41 -5.15 20.57
CA LEU B 86 -23.95 -4.88 19.22
C LEU B 86 -22.84 -5.79 18.67
N GLY B 87 -22.81 -7.04 19.12
CA GLY B 87 -21.81 -7.96 18.62
C GLY B 87 -20.65 -8.31 19.55
N MET B 88 -20.58 -7.66 20.71
CA MET B 88 -19.54 -7.96 21.67
C MET B 88 -20.10 -8.93 22.71
N PRO B 89 -19.60 -10.18 22.72
CA PRO B 89 -20.08 -11.19 23.67
C PRO B 89 -19.70 -10.94 25.13
N ASN B 90 -20.46 -11.55 26.03
CA ASN B 90 -20.19 -11.43 27.46
C ASN B 90 -19.28 -12.55 27.91
N TRP B 91 -18.18 -12.19 28.58
CA TRP B 91 -17.23 -13.20 29.03
C TRP B 91 -17.33 -13.54 30.51
N GLY B 92 -17.93 -12.66 31.29
CA GLY B 92 -18.07 -12.90 32.72
C GLY B 92 -19.39 -13.53 33.10
N SER B 93 -20.47 -12.98 32.54
CA SER B 93 -21.83 -13.47 32.80
C SER B 93 -22.02 -14.90 32.31
N SER B 94 -21.43 -15.23 31.17
CA SER B 94 -21.54 -16.57 30.58
C SER B 94 -20.71 -17.59 31.37
N GLY B 95 -19.69 -17.10 32.06
CA GLY B 95 -18.81 -17.97 32.84
C GLY B 95 -17.65 -18.49 32.01
N GLU B 96 -17.45 -17.91 30.83
CA GLU B 96 -16.37 -18.29 29.94
C GLU B 96 -15.00 -18.00 30.58
N LEU B 97 -14.86 -16.77 31.10
CA LEU B 97 -13.64 -16.35 31.76
C LEU B 97 -13.93 -16.03 33.22
N SER B 98 -12.88 -16.08 34.05
CA SER B 98 -13.00 -15.78 35.47
C SER B 98 -12.79 -14.28 35.66
N LYS B 99 -13.10 -13.77 36.84
CA LYS B 99 -12.91 -12.36 37.12
C LYS B 99 -11.41 -12.03 37.15
N GLU B 100 -10.61 -13.03 37.50
CA GLU B 100 -9.16 -12.86 37.54
C GLU B 100 -8.62 -12.69 36.12
N GLN B 101 -9.15 -13.48 35.19
CA GLN B 101 -8.74 -13.42 33.79
C GLN B 101 -9.25 -12.13 33.14
N ILE B 102 -10.46 -11.72 33.51
CA ILE B 102 -11.04 -10.48 32.98
C ILE B 102 -10.23 -9.27 33.43
N THR B 103 -9.80 -9.28 34.69
CA THR B 103 -8.98 -8.19 35.22
C THR B 103 -7.66 -8.12 34.44
N LEU B 104 -7.16 -9.28 34.04
CA LEU B 104 -5.93 -9.37 33.26
C LEU B 104 -6.13 -8.83 31.85
N MET B 105 -7.27 -9.16 31.25
CA MET B 105 -7.58 -8.69 29.89
C MET B 105 -7.71 -7.17 29.83
N ALA B 106 -8.35 -6.59 30.86
CA ALA B 106 -8.54 -5.14 30.93
C ALA B 106 -7.18 -4.43 31.03
N LYS B 107 -6.24 -5.05 31.75
CA LYS B 107 -4.90 -4.50 31.90
C LYS B 107 -4.10 -4.68 30.62
N TYR B 108 -4.27 -5.85 30.00
CA TYR B 108 -3.58 -6.23 28.78
C TYR B 108 -3.86 -5.23 27.65
N ILE B 109 -5.13 -4.94 27.40
CA ILE B 109 -5.50 -4.03 26.32
C ILE B 109 -5.15 -2.56 26.55
N GLN B 110 -4.60 -2.25 27.72
CA GLN B 110 -4.16 -0.89 28.01
C GLN B 110 -2.69 -0.74 27.63
N HIS B 111 -2.06 -1.82 27.19
CA HIS B 111 -0.67 -1.83 26.74
C HIS B 111 -0.63 -1.83 25.22
N THR B 112 0.52 -1.47 24.65
CA THR B 112 0.71 -1.47 23.20
C THR B 112 0.53 -2.91 22.72
N PRO B 113 -0.12 -3.11 21.55
CA PRO B 113 -0.32 -4.46 21.03
C PRO B 113 1.00 -5.12 20.64
N PRO B 114 1.26 -6.35 21.12
CA PRO B 114 2.49 -7.08 20.81
C PRO B 114 2.47 -7.41 19.32
N GLN B 115 3.61 -7.27 18.65
CA GLN B 115 3.72 -7.50 17.22
C GLN B 115 4.12 -8.91 16.78
N PRO B 116 3.34 -9.52 15.86
CA PRO B 116 3.67 -10.85 15.36
C PRO B 116 4.77 -10.58 14.33
N PRO B 117 5.39 -11.64 13.79
CA PRO B 117 6.44 -11.35 12.81
C PRO B 117 5.92 -11.04 11.39
N GLU B 118 6.77 -10.43 10.57
CA GLU B 118 6.42 -10.15 9.19
C GLU B 118 6.66 -11.46 8.42
N TRP B 119 6.31 -11.49 7.13
CA TRP B 119 6.51 -12.70 6.33
C TRP B 119 6.79 -12.25 4.90
N GLY B 120 8.06 -12.01 4.61
CA GLY B 120 8.46 -11.55 3.29
C GLY B 120 8.91 -12.64 2.34
N MET B 121 9.56 -12.21 1.26
CA MET B 121 10.07 -13.13 0.23
C MET B 121 11.03 -14.17 0.80
N PRO B 122 11.93 -13.78 1.73
CA PRO B 122 12.87 -14.76 2.29
C PRO B 122 12.16 -15.90 3.01
N GLU B 123 11.14 -15.56 3.81
CA GLU B 123 10.37 -16.57 4.54
C GLU B 123 9.59 -17.45 3.58
N MET B 124 8.99 -16.83 2.57
CA MET B 124 8.21 -17.57 1.59
C MET B 124 9.06 -18.57 0.82
N ARG B 125 10.21 -18.11 0.33
CA ARG B 125 11.11 -18.97 -0.43
C ARG B 125 11.64 -20.11 0.41
N GLU B 126 11.86 -19.85 1.70
CA GLU B 126 12.35 -20.86 2.62
C GLU B 126 11.31 -21.96 2.79
N SER B 127 10.03 -21.57 2.79
CA SER B 127 8.92 -22.51 2.94
C SER B 127 8.50 -23.18 1.63
N TRP B 128 8.98 -22.63 0.51
CA TRP B 128 8.62 -23.14 -0.81
C TRP B 128 9.25 -24.50 -1.11
N LYS B 129 8.44 -25.42 -1.62
CA LYS B 129 8.89 -26.76 -1.95
C LYS B 129 8.23 -27.32 -3.21
N VAL B 130 9.07 -27.81 -4.13
CA VAL B 130 8.58 -28.43 -5.36
C VAL B 130 8.73 -29.92 -5.08
N LEU B 131 7.63 -30.60 -4.76
CA LEU B 131 7.68 -32.02 -4.46
C LEU B 131 7.91 -32.84 -5.72
N VAL B 132 7.28 -32.42 -6.82
CA VAL B 132 7.43 -33.09 -8.10
C VAL B 132 7.50 -32.02 -9.20
N LYS B 133 8.65 -31.94 -9.86
CA LYS B 133 8.87 -30.97 -10.95
C LYS B 133 7.92 -31.19 -12.11
N PRO B 134 7.53 -30.11 -12.81
CA PRO B 134 6.62 -30.18 -13.95
C PRO B 134 7.03 -31.21 -15.01
N GLU B 135 8.34 -31.40 -15.15
CA GLU B 135 8.90 -32.34 -16.13
C GLU B 135 8.66 -33.79 -15.72
N ASP B 136 8.69 -34.05 -14.42
CA ASP B 136 8.48 -35.38 -13.86
C ASP B 136 7.01 -35.77 -13.70
N ARG B 137 6.12 -34.81 -13.93
CA ARG B 137 4.69 -35.07 -13.80
C ARG B 137 4.15 -35.77 -15.05
N PRO B 138 3.00 -36.47 -14.92
CA PRO B 138 2.36 -37.20 -16.02
C PRO B 138 1.97 -36.27 -17.17
N LYS B 139 1.90 -36.83 -18.39
CA LYS B 139 1.52 -36.05 -19.56
C LYS B 139 0.02 -36.21 -19.82
N LYS B 140 -0.59 -37.11 -19.04
CA LYS B 140 -2.02 -37.40 -19.14
C LYS B 140 -2.48 -38.04 -17.84
N GLN B 141 -3.79 -38.18 -17.67
CA GLN B 141 -4.37 -38.80 -16.49
C GLN B 141 -3.99 -40.27 -16.39
N LEU B 142 -3.36 -40.65 -15.28
CA LEU B 142 -2.89 -42.02 -15.05
C LEU B 142 -3.82 -42.88 -14.21
N ASN B 143 -4.96 -42.32 -13.82
CA ASN B 143 -5.93 -43.09 -13.04
C ASN B 143 -7.21 -43.07 -13.85
N ASP B 144 -8.22 -43.82 -13.42
CA ASP B 144 -9.46 -43.81 -14.17
C ASP B 144 -10.64 -43.21 -13.42
N LEU B 145 -10.32 -42.30 -12.50
CA LEU B 145 -11.34 -41.60 -11.71
C LEU B 145 -12.09 -40.61 -12.57
N ASP B 146 -13.31 -40.30 -12.15
CA ASP B 146 -14.17 -39.31 -12.82
C ASP B 146 -13.81 -38.03 -12.05
N LEU B 147 -12.67 -37.43 -12.41
CA LEU B 147 -12.18 -36.21 -11.76
C LEU B 147 -13.23 -35.12 -11.58
N PRO B 148 -14.02 -34.82 -12.64
CA PRO B 148 -15.05 -33.78 -12.53
C PRO B 148 -16.09 -34.01 -11.42
N ASN B 149 -16.35 -35.31 -11.09
CA ASN B 149 -17.40 -35.51 -10.06
C ASN B 149 -16.78 -35.86 -8.69
N LEU B 150 -15.51 -35.55 -8.56
CA LEU B 150 -14.74 -35.75 -7.31
C LEU B 150 -15.11 -34.58 -6.38
N PHE B 151 -15.04 -34.81 -5.09
CA PHE B 151 -15.36 -33.77 -4.08
C PHE B 151 -14.17 -33.59 -3.12
N SER B 152 -13.68 -32.36 -3.04
CA SER B 152 -12.56 -32.05 -2.12
C SER B 152 -13.16 -31.60 -0.79
N VAL B 153 -13.09 -32.48 0.19
CA VAL B 153 -13.67 -32.22 1.52
C VAL B 153 -12.60 -31.93 2.58
N THR B 154 -12.87 -30.91 3.35
CA THR B 154 -11.95 -30.49 4.40
C THR B 154 -12.19 -31.28 5.68
N LEU B 155 -11.10 -31.87 6.15
CA LEU B 155 -11.07 -32.60 7.43
C LEU B 155 -10.38 -31.63 8.41
N ARG B 156 -11.12 -30.58 8.67
CA ARG B 156 -10.67 -29.44 9.50
C ARG B 156 -9.61 -29.74 10.60
N ASP B 157 -10.04 -30.17 11.76
CA ASP B 157 -9.10 -30.37 12.92
C ASP B 157 -7.95 -31.37 12.68
N ALA B 158 -8.11 -32.22 11.68
CA ALA B 158 -7.08 -33.24 11.39
C ALA B 158 -5.96 -32.72 10.48
N GLY B 159 -6.16 -31.54 9.94
CA GLY B 159 -5.17 -30.90 9.04
C GLY B 159 -5.01 -31.75 7.78
N GLN B 160 -6.13 -32.11 7.21
CA GLN B 160 -6.19 -32.91 5.99
C GLN B 160 -7.43 -32.55 5.15
N ILE B 161 -7.50 -33.17 4.01
CA ILE B 161 -8.64 -33.09 3.08
C ILE B 161 -8.81 -34.48 2.52
N ALA B 162 -10.00 -34.79 2.11
CA ALA B 162 -10.27 -36.10 1.55
C ALA B 162 -10.95 -35.96 0.20
N LEU B 163 -10.50 -36.75 -0.73
CA LEU B 163 -11.08 -36.78 -2.06
C LEU B 163 -12.16 -37.87 -2.03
N VAL B 164 -13.38 -37.47 -2.26
CA VAL B 164 -14.51 -38.40 -2.24
C VAL B 164 -15.10 -38.55 -3.64
N ASP B 165 -15.21 -39.82 -4.07
CA ASP B 165 -15.78 -40.13 -5.38
C ASP B 165 -17.28 -39.83 -5.36
N GLY B 166 -17.73 -38.99 -6.29
CA GLY B 166 -19.12 -38.61 -6.35
C GLY B 166 -20.14 -39.73 -6.42
N ASP B 167 -19.97 -40.65 -7.38
CA ASP B 167 -20.91 -41.75 -7.54
C ASP B 167 -20.78 -42.89 -6.54
N SER B 168 -19.55 -43.29 -6.21
CA SER B 168 -19.35 -44.38 -5.27
C SER B 168 -19.53 -44.00 -3.81
N LYS B 169 -19.52 -42.70 -3.51
CA LYS B 169 -19.70 -42.21 -2.14
C LYS B 169 -18.60 -42.67 -1.16
N LYS B 170 -17.43 -42.98 -1.71
CA LYS B 170 -16.31 -43.44 -0.90
C LYS B 170 -15.09 -42.54 -0.98
N ILE B 171 -14.30 -42.52 0.09
CA ILE B 171 -13.07 -41.74 0.16
C ILE B 171 -12.04 -42.44 -0.74
N VAL B 172 -11.52 -41.70 -1.71
CA VAL B 172 -10.52 -42.23 -2.64
C VAL B 172 -9.08 -41.99 -2.15
N LYS B 173 -8.86 -40.88 -1.43
CA LYS B 173 -7.53 -40.54 -0.95
C LYS B 173 -7.59 -39.46 0.13
N VAL B 174 -6.77 -39.61 1.17
CA VAL B 174 -6.70 -38.61 2.23
C VAL B 174 -5.30 -37.98 2.11
N ILE B 175 -5.27 -36.65 2.06
CA ILE B 175 -4.01 -35.92 1.91
C ILE B 175 -3.70 -35.00 3.08
N ASP B 176 -2.43 -34.99 3.50
CA ASP B 176 -1.98 -34.13 4.59
C ASP B 176 -1.79 -32.71 4.04
N THR B 177 -2.34 -31.74 4.75
CA THR B 177 -2.31 -30.34 4.33
C THR B 177 -1.98 -29.42 5.51
N GLY B 178 -2.26 -28.13 5.34
CA GLY B 178 -2.06 -27.18 6.41
C GLY B 178 -3.22 -27.35 7.38
N TYR B 179 -3.15 -26.72 8.55
CA TYR B 179 -4.21 -26.85 9.54
C TYR B 179 -5.53 -26.19 9.16
N ALA B 180 -6.63 -26.92 9.37
CA ALA B 180 -7.98 -26.45 9.11
C ALA B 180 -8.17 -25.73 7.77
N VAL B 181 -7.96 -26.47 6.68
CA VAL B 181 -8.13 -25.92 5.32
C VAL B 181 -9.44 -25.16 5.24
N HIS B 182 -9.39 -23.97 4.66
CA HIS B 182 -10.58 -23.15 4.54
C HIS B 182 -11.37 -23.35 3.25
N ILE B 183 -10.69 -23.34 2.11
CA ILE B 183 -11.37 -23.57 0.83
C ILE B 183 -10.47 -24.36 -0.11
N SER B 184 -11.10 -24.90 -1.14
CA SER B 184 -10.42 -25.66 -2.19
C SER B 184 -10.85 -25.04 -3.51
N ARG B 185 -9.89 -24.81 -4.40
CA ARG B 185 -10.17 -24.24 -5.72
C ARG B 185 -9.49 -25.08 -6.81
N MET B 186 -10.04 -25.02 -8.01
CA MET B 186 -9.50 -25.77 -9.14
C MET B 186 -8.82 -24.87 -10.16
N SER B 187 -7.77 -25.37 -10.80
CA SER B 187 -7.06 -24.62 -11.83
C SER B 187 -7.92 -24.65 -13.10
N ALA B 188 -7.67 -23.70 -14.00
CA ALA B 188 -8.44 -23.60 -15.24
C ALA B 188 -8.34 -24.80 -16.18
N SER B 189 -7.31 -25.62 -15.99
CA SER B 189 -7.10 -26.82 -16.81
C SER B 189 -7.84 -28.03 -16.25
N GLY B 190 -8.39 -27.90 -15.05
CA GLY B 190 -9.10 -28.99 -14.43
C GLY B 190 -8.19 -30.09 -13.91
N ARG B 191 -6.89 -29.84 -13.94
CA ARG B 191 -5.88 -30.81 -13.50
C ARG B 191 -5.34 -30.61 -12.07
N TYR B 192 -5.23 -29.37 -11.64
CA TYR B 192 -4.68 -29.10 -10.31
C TYR B 192 -5.64 -28.56 -9.27
N LEU B 193 -5.64 -29.21 -8.11
CA LEU B 193 -6.48 -28.83 -6.98
C LEU B 193 -5.61 -28.04 -5.99
N LEU B 194 -6.09 -26.87 -5.60
CA LEU B 194 -5.39 -26.01 -4.65
C LEU B 194 -6.16 -25.91 -3.35
N VAL B 195 -5.46 -26.05 -2.23
CA VAL B 195 -6.05 -25.96 -0.91
C VAL B 195 -5.16 -25.07 -0.05
N ILE B 196 -5.77 -24.28 0.83
CA ILE B 196 -5.00 -23.41 1.72
C ILE B 196 -5.49 -23.52 3.17
N GLY B 197 -4.56 -23.74 4.08
CA GLY B 197 -4.92 -23.85 5.49
C GLY B 197 -5.05 -22.48 6.13
N ARG B 198 -5.68 -22.43 7.31
CA ARG B 198 -5.87 -21.13 7.94
C ARG B 198 -4.54 -20.60 8.47
N ASP B 199 -3.54 -21.45 8.43
CA ASP B 199 -2.18 -21.11 8.80
C ASP B 199 -1.38 -20.59 7.59
N ALA B 200 -2.09 -20.32 6.49
CA ALA B 200 -1.50 -19.81 5.24
C ALA B 200 -0.65 -20.81 4.43
N ARG B 201 -0.72 -22.09 4.77
CA ARG B 201 0.03 -23.10 4.04
C ARG B 201 -0.80 -23.61 2.85
N ILE B 202 -0.26 -23.45 1.65
CA ILE B 202 -0.92 -23.90 0.44
C ILE B 202 -0.30 -25.20 -0.08
N ASP B 203 -1.14 -26.08 -0.59
CA ASP B 203 -0.68 -27.34 -1.18
C ASP B 203 -1.31 -27.46 -2.56
N MET B 204 -0.53 -27.82 -3.56
CA MET B 204 -0.94 -28.00 -4.96
C MET B 204 -1.04 -29.51 -5.24
N ILE B 205 -2.20 -29.95 -5.72
CA ILE B 205 -2.43 -31.39 -5.97
C ILE B 205 -2.69 -31.73 -7.46
N ASP B 206 -1.94 -32.73 -7.91
CA ASP B 206 -2.02 -33.22 -9.30
C ASP B 206 -3.01 -34.40 -9.36
N LEU B 207 -4.18 -34.10 -9.87
CA LEU B 207 -5.26 -35.08 -10.00
C LEU B 207 -4.95 -36.16 -11.07
N TRP B 208 -3.89 -35.94 -11.84
CA TRP B 208 -3.54 -36.88 -12.94
C TRP B 208 -2.57 -38.02 -12.51
N ALA B 209 -1.88 -37.87 -11.40
CA ALA B 209 -0.96 -38.95 -10.93
C ALA B 209 -1.79 -40.24 -10.71
N LYS B 210 -1.11 -41.40 -10.66
CA LYS B 210 -1.79 -42.71 -10.44
C LYS B 210 -2.78 -42.56 -9.28
N GLU B 211 -2.25 -41.94 -8.27
CA GLU B 211 -2.97 -41.60 -7.04
C GLU B 211 -2.78 -40.11 -6.89
N PRO B 212 -3.81 -39.27 -6.80
CA PRO B 212 -3.59 -37.84 -6.72
C PRO B 212 -2.67 -37.54 -5.57
N THR B 213 -1.58 -36.84 -5.92
CA THR B 213 -0.52 -36.45 -4.97
C THR B 213 -0.13 -34.97 -5.11
N LYS B 214 0.42 -34.47 -4.02
CA LYS B 214 0.89 -33.09 -3.92
C LYS B 214 2.17 -32.93 -4.74
N VAL B 215 2.25 -31.84 -5.47
CA VAL B 215 3.44 -31.59 -6.29
C VAL B 215 4.19 -30.33 -5.82
N ALA B 216 3.53 -29.50 -5.01
CA ALA B 216 4.17 -28.27 -4.51
C ALA B 216 3.44 -27.71 -3.27
N GLU B 217 4.23 -27.01 -2.44
CA GLU B 217 3.70 -26.34 -1.24
C GLU B 217 4.48 -25.06 -0.94
N ILE B 218 3.85 -24.18 -0.18
CA ILE B 218 4.43 -22.91 0.22
C ILE B 218 3.55 -22.27 1.30
N LYS B 219 4.13 -21.35 2.08
CA LYS B 219 3.41 -20.65 3.14
C LYS B 219 3.48 -19.16 2.77
N ILE B 220 2.33 -18.50 2.67
CA ILE B 220 2.31 -17.09 2.28
C ILE B 220 2.10 -16.03 3.36
N GLY B 221 2.02 -16.48 4.60
CA GLY B 221 1.84 -15.57 5.72
C GLY B 221 1.73 -16.38 6.99
N ILE B 222 1.11 -15.79 8.01
CA ILE B 222 0.91 -16.44 9.31
C ILE B 222 -0.51 -16.96 9.37
N GLU B 223 -1.44 -16.19 8.81
CA GLU B 223 -2.85 -16.57 8.79
C GLU B 223 -3.47 -16.17 7.46
N ALA B 224 -4.29 -17.04 6.88
CA ALA B 224 -4.94 -16.75 5.58
C ALA B 224 -6.28 -17.46 5.42
N ARG B 225 -7.01 -17.09 4.37
CA ARG B 225 -8.32 -17.71 4.07
C ARG B 225 -8.55 -18.01 2.59
N SER B 226 -7.83 -17.33 1.70
CA SER B 226 -8.10 -17.52 0.29
C SER B 226 -6.96 -17.81 -0.69
N VAL B 227 -7.33 -18.58 -1.72
CA VAL B 227 -6.43 -18.97 -2.81
C VAL B 227 -7.26 -18.98 -4.11
N GLU B 228 -6.63 -18.65 -5.23
CA GLU B 228 -7.32 -18.60 -6.52
C GLU B 228 -6.33 -18.79 -7.69
N SER B 229 -6.86 -19.20 -8.85
CA SER B 229 -6.05 -19.44 -10.05
C SER B 229 -6.53 -18.62 -11.26
N SER B 230 -5.62 -18.32 -12.19
CA SER B 230 -5.94 -17.54 -13.38
C SER B 230 -6.93 -18.22 -14.33
N LYS B 231 -8.09 -17.60 -14.53
CA LYS B 231 -9.14 -18.16 -15.37
C LYS B 231 -9.46 -17.42 -16.68
N PHE B 232 -8.61 -16.48 -17.07
CA PHE B 232 -8.82 -15.76 -18.32
C PHE B 232 -8.25 -16.61 -19.47
N LYS B 233 -8.93 -16.58 -20.61
CA LYS B 233 -8.53 -17.35 -21.80
C LYS B 233 -7.05 -17.18 -22.14
N GLY B 234 -6.34 -18.29 -22.27
CA GLY B 234 -4.94 -18.25 -22.61
C GLY B 234 -3.98 -18.28 -21.42
N TYR B 235 -4.51 -18.30 -20.21
CA TYR B 235 -3.69 -18.30 -19.00
C TYR B 235 -3.89 -19.49 -18.06
N GLU B 236 -4.29 -20.64 -18.61
CA GLU B 236 -4.49 -21.83 -17.79
C GLU B 236 -3.21 -22.22 -17.07
N ASP B 237 -3.30 -22.33 -15.74
CA ASP B 237 -2.18 -22.72 -14.90
C ASP B 237 -1.03 -21.74 -14.90
N ARG B 238 -1.29 -20.49 -15.31
CA ARG B 238 -0.25 -19.48 -15.35
C ARG B 238 0.12 -18.93 -13.99
N TYR B 239 -0.88 -18.48 -13.23
CA TYR B 239 -0.64 -17.89 -11.91
C TYR B 239 -1.61 -18.30 -10.82
N THR B 240 -1.09 -18.32 -9.60
CA THR B 240 -1.85 -18.65 -8.40
C THR B 240 -1.70 -17.46 -7.47
N ILE B 241 -2.79 -17.04 -6.86
CA ILE B 241 -2.72 -15.94 -5.89
C ILE B 241 -3.39 -16.37 -4.57
N ALA B 242 -2.88 -15.73 -3.50
CA ALA B 242 -3.41 -16.03 -2.16
C ALA B 242 -3.36 -14.77 -1.28
N GLY B 243 -4.39 -14.65 -0.47
CA GLY B 243 -4.55 -13.53 0.46
C GLY B 243 -4.31 -14.02 1.90
N ALA B 244 -3.61 -13.20 2.65
CA ALA B 244 -3.27 -13.49 4.05
C ALA B 244 -3.98 -12.53 4.99
N TYR B 245 -4.33 -12.80 6.14
CA TYR B 245 -4.95 -11.97 7.17
C TYR B 245 -3.76 -11.26 7.82
N TRP B 246 -2.69 -12.02 8.05
CA TRP B 246 -1.45 -11.50 8.62
C TRP B 246 -0.23 -12.17 7.98
N PRO B 247 0.69 -11.37 7.42
CA PRO B 247 0.63 -9.90 7.37
C PRO B 247 -0.43 -9.50 6.33
N PRO B 248 -0.94 -8.25 6.40
CA PRO B 248 -1.93 -7.77 5.44
C PRO B 248 -1.28 -7.70 4.06
N GLN B 249 -1.29 -8.65 3.35
CA GLN B 249 -0.76 -8.78 2.00
C GLN B 249 -1.37 -9.98 1.27
N PHE B 250 -1.02 -10.01 0.00
CA PHE B 250 -1.41 -11.05 -0.95
C PHE B 250 -0.23 -11.27 -1.87
N ALA B 251 -0.02 -12.52 -2.22
CA ALA B 251 1.11 -12.89 -3.08
C ALA B 251 0.65 -13.66 -4.32
N ILE B 252 1.43 -13.46 -5.35
CA ILE B 252 1.23 -14.10 -6.66
C ILE B 252 2.40 -15.04 -6.89
N MET B 253 2.07 -16.26 -7.24
CA MET B 253 3.06 -17.31 -7.48
C MET B 253 2.86 -17.92 -8.87
N ASP B 254 3.88 -18.66 -9.27
CA ASP B 254 3.85 -19.37 -10.55
C ASP B 254 2.80 -20.47 -10.43
N GLY B 255 1.90 -20.47 -11.38
CA GLY B 255 0.77 -21.41 -11.43
C GLY B 255 1.19 -22.88 -11.61
N GLU B 256 2.43 -23.13 -11.97
CA GLU B 256 2.90 -24.51 -12.19
C GLU B 256 3.80 -25.06 -11.07
N THR B 257 4.53 -24.18 -10.40
CA THR B 257 5.46 -24.61 -9.34
C THR B 257 5.23 -23.92 -7.99
N LEU B 258 4.38 -22.92 -7.98
CA LEU B 258 4.03 -22.17 -6.75
C LEU B 258 5.18 -21.24 -6.31
N GLU B 259 6.12 -20.99 -7.22
CA GLU B 259 7.28 -20.11 -6.93
C GLU B 259 6.81 -18.67 -6.64
N PRO B 260 7.16 -18.11 -5.47
CA PRO B 260 6.75 -16.74 -5.12
C PRO B 260 7.31 -15.74 -6.10
N LYS B 261 6.44 -14.91 -6.67
CA LYS B 261 6.86 -13.89 -7.66
C LYS B 261 6.72 -12.45 -7.09
N GLN B 262 5.53 -12.12 -6.61
CA GLN B 262 5.25 -10.77 -6.06
C GLN B 262 4.42 -10.83 -4.77
N ILE B 263 4.75 -9.89 -3.88
CA ILE B 263 4.08 -9.72 -2.58
C ILE B 263 3.65 -8.27 -2.41
N VAL B 264 2.38 -8.03 -2.23
CA VAL B 264 1.85 -6.67 -2.15
C VAL B 264 1.13 -6.42 -0.83
N SER B 265 1.52 -5.34 -0.15
CA SER B 265 0.91 -4.93 1.12
C SER B 265 -0.45 -4.27 0.91
N THR B 266 -1.41 -4.59 1.79
CA THR B 266 -2.75 -4.01 1.72
C THR B 266 -2.99 -2.97 2.80
N ARG B 267 -1.97 -2.70 3.62
CA ARG B 267 -2.06 -1.68 4.66
C ARG B 267 -2.36 -0.36 3.94
N GLY B 268 -3.36 0.39 4.41
CA GLY B 268 -3.68 1.65 3.73
C GLY B 268 -4.91 2.38 4.23
N MET B 269 -5.45 3.24 3.37
CA MET B 269 -6.62 4.08 3.68
C MET B 269 -7.98 3.42 3.47
N THR B 270 -8.89 3.69 4.40
CA THR B 270 -10.26 3.16 4.37
C THR B 270 -11.12 3.88 3.34
N VAL B 271 -12.13 3.18 2.81
CA VAL B 271 -13.03 3.78 1.81
C VAL B 271 -13.95 4.80 2.46
N ASP B 272 -14.42 4.51 3.67
CA ASP B 272 -15.34 5.41 4.35
C ASP B 272 -14.71 6.68 4.94
N THR B 273 -13.87 6.52 5.96
CA THR B 273 -13.26 7.67 6.60
C THR B 273 -11.98 8.19 5.95
N GLN B 274 -11.42 7.42 5.01
CA GLN B 274 -10.18 7.79 4.35
C GLN B 274 -9.09 8.11 5.37
N THR B 275 -8.93 7.18 6.31
CA THR B 275 -7.94 7.25 7.38
C THR B 275 -7.09 5.97 7.31
N TYR B 276 -5.92 6.00 7.93
CA TYR B 276 -5.04 4.85 7.87
C TYR B 276 -5.43 3.67 8.75
N HIS B 277 -5.42 2.48 8.16
CA HIS B 277 -5.73 1.25 8.88
C HIS B 277 -4.51 0.35 8.73
N PRO B 278 -3.89 -0.05 9.86
CA PRO B 278 -2.70 -0.92 9.85
C PRO B 278 -2.91 -2.42 9.64
N GLU B 279 -4.15 -2.87 9.52
CA GLU B 279 -4.39 -4.30 9.36
C GLU B 279 -5.58 -4.65 8.48
N PRO B 280 -5.49 -4.33 7.18
CA PRO B 280 -6.60 -4.63 6.27
C PRO B 280 -6.46 -6.08 5.74
N ARG B 281 -7.15 -7.00 6.40
CA ARG B 281 -7.14 -8.42 6.07
C ARG B 281 -7.74 -8.74 4.70
N VAL B 282 -7.03 -9.55 3.92
CA VAL B 282 -7.50 -9.95 2.59
C VAL B 282 -8.55 -11.06 2.76
N ALA B 283 -9.71 -10.87 2.14
CA ALA B 283 -10.79 -11.84 2.23
C ALA B 283 -10.96 -12.63 0.92
N ALA B 284 -12.16 -12.64 0.35
CA ALA B 284 -12.40 -13.40 -0.88
C ALA B 284 -11.62 -12.93 -2.10
N ILE B 285 -11.25 -13.88 -2.96
CA ILE B 285 -10.53 -13.61 -4.20
C ILE B 285 -11.23 -14.39 -5.31
N ILE B 286 -11.47 -13.74 -6.45
CA ILE B 286 -12.12 -14.40 -7.57
C ILE B 286 -11.41 -14.00 -8.87
N ALA B 287 -11.27 -14.96 -9.79
CA ALA B 287 -10.59 -14.72 -11.05
C ALA B 287 -11.52 -14.18 -12.14
N SER B 288 -11.10 -13.08 -12.76
CA SER B 288 -11.88 -12.44 -13.83
C SER B 288 -11.83 -13.20 -15.15
N HIS B 289 -12.97 -13.24 -15.85
CA HIS B 289 -13.08 -13.89 -17.15
C HIS B 289 -13.04 -12.83 -18.26
N GLU B 290 -13.21 -11.57 -17.89
CA GLU B 290 -13.22 -10.44 -18.82
C GLU B 290 -11.84 -9.88 -19.16
N HIS B 291 -10.95 -9.89 -18.16
CA HIS B 291 -9.59 -9.40 -18.33
C HIS B 291 -8.68 -10.31 -17.53
N PRO B 292 -7.39 -10.36 -17.89
CA PRO B 292 -6.43 -11.21 -17.16
C PRO B 292 -6.13 -10.55 -15.81
N GLU B 293 -7.09 -10.77 -14.89
CA GLU B 293 -6.99 -10.07 -13.61
C GLU B 293 -7.60 -10.90 -12.49
N PHE B 294 -7.15 -10.58 -11.30
CA PHE B 294 -7.61 -11.19 -10.06
C PHE B 294 -8.38 -10.12 -9.28
N ILE B 295 -9.54 -10.48 -8.81
CA ILE B 295 -10.37 -9.57 -8.02
C ILE B 295 -10.22 -9.96 -6.56
N VAL B 296 -9.52 -9.08 -5.84
CA VAL B 296 -9.20 -9.27 -4.41
C VAL B 296 -9.95 -8.29 -3.50
N ASN B 297 -10.50 -8.88 -2.45
CA ASN B 297 -11.28 -8.17 -1.42
C ASN B 297 -10.41 -7.81 -0.20
N VAL B 298 -10.46 -6.54 0.16
CA VAL B 298 -9.75 -6.01 1.35
C VAL B 298 -10.82 -5.57 2.35
N LYS B 299 -10.95 -6.41 3.35
CA LYS B 299 -11.96 -6.30 4.44
C LYS B 299 -12.15 -4.87 5.01
N GLU B 300 -11.39 -4.60 6.06
CA GLU B 300 -11.45 -3.34 6.85
C GLU B 300 -11.41 -2.02 6.02
N THR B 301 -10.66 -1.98 4.94
CA THR B 301 -10.57 -0.73 4.12
C THR B 301 -11.71 -0.66 3.09
N GLY B 302 -12.36 -1.81 2.91
CA GLY B 302 -13.50 -1.97 1.97
C GLY B 302 -13.10 -1.62 0.53
N LYS B 303 -11.99 -2.20 0.11
CA LYS B 303 -11.45 -1.98 -1.23
C LYS B 303 -11.42 -3.28 -2.05
N VAL B 304 -11.80 -3.14 -3.30
CA VAL B 304 -11.80 -4.24 -4.26
C VAL B 304 -10.74 -3.93 -5.31
N LEU B 305 -9.69 -4.72 -5.28
CA LEU B 305 -8.55 -4.54 -6.18
C LEU B 305 -8.57 -5.51 -7.36
N LEU B 306 -8.35 -4.91 -8.52
CA LEU B 306 -8.24 -5.65 -9.78
C LEU B 306 -6.74 -5.71 -10.12
N VAL B 307 -6.15 -6.85 -9.81
CA VAL B 307 -4.71 -7.08 -10.04
C VAL B 307 -4.47 -7.79 -11.38
N ASN B 308 -3.98 -7.01 -12.32
CA ASN B 308 -3.66 -7.48 -13.69
C ASN B 308 -2.34 -8.27 -13.68
N TYR B 309 -2.41 -9.51 -14.15
CA TYR B 309 -1.23 -10.40 -14.22
C TYR B 309 -0.82 -10.64 -15.67
N LYS B 310 -1.19 -9.81 -16.65
CA LYS B 310 -0.67 -9.84 -18.02
C LYS B 310 0.84 -9.50 -18.00
N ASP B 311 1.25 -8.81 -16.95
CA ASP B 311 2.64 -8.40 -16.74
C ASP B 311 2.84 -8.32 -15.22
N ILE B 312 3.32 -9.40 -14.60
CA ILE B 312 3.54 -9.40 -13.15
C ILE B 312 4.84 -8.76 -12.68
N ASP B 313 5.70 -8.37 -13.63
CA ASP B 313 6.96 -7.73 -13.27
C ASP B 313 6.67 -6.28 -12.89
N ASN B 314 5.77 -5.65 -13.64
CA ASN B 314 5.34 -4.28 -13.39
C ASN B 314 3.85 -4.38 -13.17
N LEU B 315 3.48 -4.66 -11.93
CA LEU B 315 2.08 -4.85 -11.53
C LEU B 315 1.18 -3.64 -11.63
N THR B 316 0.05 -3.82 -12.31
CA THR B 316 -0.95 -2.76 -12.46
C THR B 316 -2.19 -3.16 -11.65
N VAL B 317 -2.57 -2.29 -10.72
CA VAL B 317 -3.72 -2.54 -9.85
C VAL B 317 -4.71 -1.39 -9.88
N THR B 318 -5.99 -1.73 -10.05
CA THR B 318 -7.07 -0.77 -10.04
C THR B 318 -7.81 -0.92 -8.71
N SER B 319 -7.91 0.16 -7.94
CA SER B 319 -8.53 0.09 -6.60
C SER B 319 -9.95 0.68 -6.64
N ILE B 320 -10.91 -0.17 -6.42
CA ILE B 320 -12.33 0.22 -6.42
C ILE B 320 -12.88 0.25 -5.00
N GLY B 321 -13.39 1.41 -4.62
CA GLY B 321 -13.98 1.59 -3.29
C GLY B 321 -15.37 0.95 -3.30
N ALA B 322 -15.67 0.22 -2.24
CA ALA B 322 -16.97 -0.47 -2.10
C ALA B 322 -17.62 -0.05 -0.77
N ALA B 323 -17.47 -0.89 0.23
CA ALA B 323 -18.04 -0.63 1.56
C ALA B 323 -17.23 -1.40 2.60
N PRO B 324 -17.08 -0.89 3.83
CA PRO B 324 -16.30 -1.57 4.84
C PRO B 324 -16.81 -2.99 5.18
N PHE B 325 -15.79 -3.79 5.50
CA PHE B 325 -15.89 -5.21 5.94
C PHE B 325 -16.29 -6.21 4.83
N LEU B 326 -15.62 -6.09 3.70
CA LEU B 326 -15.83 -7.02 2.56
C LEU B 326 -15.46 -8.42 3.05
N HIS B 327 -16.23 -9.41 2.65
CA HIS B 327 -15.96 -10.79 3.07
C HIS B 327 -16.03 -11.77 1.88
N ASP B 328 -17.14 -12.50 1.78
CA ASP B 328 -17.33 -13.50 0.69
C ASP B 328 -18.22 -12.93 -0.43
N GLY B 329 -18.35 -13.74 -1.48
CA GLY B 329 -19.15 -13.39 -2.67
C GLY B 329 -18.85 -14.36 -3.82
N GLY B 330 -19.54 -14.13 -4.94
CA GLY B 330 -19.40 -14.95 -6.17
C GLY B 330 -20.02 -14.22 -7.38
N TRP B 331 -19.81 -14.84 -8.56
CA TRP B 331 -20.31 -14.31 -9.85
C TRP B 331 -21.84 -14.36 -9.90
N ASP B 332 -22.37 -13.59 -10.82
CA ASP B 332 -23.78 -13.62 -11.14
C ASP B 332 -23.90 -14.75 -12.18
N SER B 333 -25.05 -14.95 -12.73
CA SER B 333 -25.24 -16.05 -13.70
C SER B 333 -24.34 -15.89 -14.96
N SER B 334 -24.13 -14.64 -15.41
CA SER B 334 -23.33 -14.36 -16.64
C SER B 334 -21.80 -14.35 -16.38
N HIS B 335 -21.41 -14.33 -15.11
CA HIS B 335 -19.98 -14.35 -14.70
C HIS B 335 -19.26 -13.05 -15.07
N ARG B 336 -19.95 -11.94 -14.88
CA ARG B 336 -19.38 -10.62 -15.20
C ARG B 336 -19.37 -9.73 -13.95
N TYR B 337 -20.44 -9.83 -13.18
CA TYR B 337 -20.62 -9.03 -11.96
C TYR B 337 -20.36 -9.86 -10.70
N PHE B 338 -19.39 -9.38 -9.96
CA PHE B 338 -18.96 -9.99 -8.69
C PHE B 338 -19.83 -9.43 -7.55
N MET B 339 -20.67 -10.30 -7.05
CA MET B 339 -21.58 -9.97 -5.94
C MET B 339 -20.92 -10.39 -4.63
N THR B 340 -20.39 -9.39 -3.93
CA THR B 340 -19.70 -9.59 -2.64
C THR B 340 -20.42 -8.85 -1.52
N ALA B 341 -20.31 -9.42 -0.34
CA ALA B 341 -20.97 -8.89 0.86
C ALA B 341 -20.01 -8.23 1.85
N ALA B 342 -20.47 -7.07 2.26
CA ALA B 342 -19.84 -6.23 3.27
C ALA B 342 -20.73 -6.41 4.50
N ASN B 343 -20.68 -7.65 4.98
CA ASN B 343 -21.50 -8.18 6.10
C ASN B 343 -21.77 -7.17 7.24
N ASN B 344 -20.75 -6.64 7.85
CA ASN B 344 -20.95 -5.72 8.98
C ASN B 344 -21.57 -4.38 8.54
N SER B 345 -21.64 -4.17 7.24
CA SER B 345 -22.23 -2.94 6.67
C SER B 345 -23.66 -3.23 6.19
N ASN B 346 -23.99 -4.52 6.25
CA ASN B 346 -25.31 -5.03 5.83
C ASN B 346 -25.63 -4.61 4.39
N LYS B 347 -24.65 -4.83 3.54
CA LYS B 347 -24.77 -4.48 2.11
C LYS B 347 -24.04 -5.49 1.24
N VAL B 348 -24.44 -5.47 -0.01
CA VAL B 348 -23.87 -6.31 -1.06
C VAL B 348 -23.37 -5.39 -2.16
N ALA B 349 -22.08 -5.43 -2.36
CA ALA B 349 -21.42 -4.63 -3.39
C ALA B 349 -21.41 -5.40 -4.71
N VAL B 350 -21.57 -4.66 -5.78
CA VAL B 350 -21.59 -5.23 -7.13
C VAL B 350 -20.46 -4.65 -7.97
N ILE B 351 -19.54 -5.56 -8.28
CA ILE B 351 -18.37 -5.18 -9.07
C ILE B 351 -18.41 -5.63 -10.52
N ASP B 352 -18.40 -4.64 -11.42
CA ASP B 352 -18.41 -4.90 -12.86
C ASP B 352 -16.97 -5.20 -13.25
N SER B 353 -16.67 -6.46 -13.53
CA SER B 353 -15.32 -6.86 -13.93
C SER B 353 -14.93 -6.43 -15.34
N LYS B 354 -15.93 -6.17 -16.18
CA LYS B 354 -15.67 -5.72 -17.55
C LYS B 354 -15.31 -4.24 -17.56
N ASP B 355 -16.26 -3.41 -17.12
CA ASP B 355 -16.07 -1.96 -17.07
C ASP B 355 -15.13 -1.55 -15.94
N ARG B 356 -14.96 -2.46 -14.97
CA ARG B 356 -14.06 -2.24 -13.86
C ARG B 356 -14.44 -1.03 -13.02
N ARG B 357 -15.62 -1.14 -12.43
CA ARG B 357 -16.20 -0.09 -11.59
C ARG B 357 -17.23 -0.71 -10.66
N LEU B 358 -17.63 0.06 -9.64
CA LEU B 358 -18.65 -0.36 -8.69
C LEU B 358 -20.02 -0.06 -9.33
N SER B 359 -20.75 -1.10 -9.71
CA SER B 359 -22.07 -0.94 -10.33
C SER B 359 -23.12 -0.45 -9.34
N ALA B 360 -23.00 -0.86 -8.08
CA ALA B 360 -23.94 -0.47 -7.03
C ALA B 360 -23.61 -1.04 -5.65
N LEU B 361 -24.36 -0.58 -4.65
CA LEU B 361 -24.28 -1.03 -3.26
C LEU B 361 -25.73 -1.30 -2.88
N VAL B 362 -26.08 -2.57 -2.69
CA VAL B 362 -27.45 -2.96 -2.37
C VAL B 362 -27.68 -3.21 -0.87
N ASP B 363 -28.72 -2.58 -0.33
CA ASP B 363 -29.07 -2.75 1.09
C ASP B 363 -29.79 -4.08 1.24
N VAL B 364 -29.29 -4.91 2.22
CA VAL B 364 -29.92 -6.21 2.49
C VAL B 364 -30.22 -6.33 4.00
N GLY B 365 -30.22 -7.58 4.47
CA GLY B 365 -30.51 -7.92 5.89
C GLY B 365 -29.27 -7.71 6.78
N LYS B 366 -29.39 -8.21 8.00
CA LYS B 366 -28.32 -8.12 9.01
C LYS B 366 -27.26 -9.20 8.80
N THR B 367 -26.07 -8.71 8.51
CA THR B 367 -24.86 -9.52 8.27
C THR B 367 -25.04 -10.53 7.13
N PRO B 368 -25.07 -10.07 5.86
CA PRO B 368 -25.19 -10.97 4.72
C PRO B 368 -23.99 -11.92 4.65
N HIS B 369 -24.28 -13.19 4.38
CA HIS B 369 -23.22 -14.24 4.24
C HIS B 369 -23.59 -15.17 3.08
N PRO B 370 -23.53 -14.66 1.86
CA PRO B 370 -23.90 -15.42 0.66
C PRO B 370 -23.01 -16.60 0.35
N GLY B 371 -21.75 -16.48 0.68
CA GLY B 371 -20.77 -17.50 0.33
C GLY B 371 -20.41 -17.15 -1.11
N ARG B 372 -20.78 -18.00 -2.04
CA ARG B 372 -20.53 -17.70 -3.45
C ARG B 372 -21.88 -17.26 -4.06
N GLY B 373 -22.93 -17.54 -3.29
CA GLY B 373 -24.32 -17.17 -3.65
C GLY B 373 -25.04 -18.27 -4.43
N ALA B 374 -26.28 -17.91 -4.82
CA ALA B 374 -27.19 -18.77 -5.59
C ALA B 374 -27.93 -17.95 -6.65
N ASN B 375 -27.69 -18.34 -7.90
CA ASN B 375 -28.28 -17.66 -9.08
C ASN B 375 -29.38 -18.53 -9.70
N PHE B 376 -30.41 -17.84 -10.15
CA PHE B 376 -31.56 -18.46 -10.82
C PHE B 376 -32.43 -17.37 -11.43
N VAL B 377 -33.27 -17.79 -12.36
CA VAL B 377 -34.17 -16.90 -13.07
C VAL B 377 -35.53 -16.86 -12.39
N HIS B 378 -35.82 -15.71 -11.85
CA HIS B 378 -37.09 -15.45 -11.18
C HIS B 378 -38.16 -15.30 -12.26
N PRO B 379 -39.39 -15.77 -12.03
CA PRO B 379 -40.42 -15.66 -13.04
C PRO B 379 -40.66 -14.21 -13.39
N LYS B 380 -40.98 -13.50 -12.37
CA LYS B 380 -41.35 -12.09 -12.49
C LYS B 380 -40.18 -11.13 -12.70
N TYR B 381 -39.11 -11.30 -11.92
CA TYR B 381 -37.98 -10.39 -12.00
C TYR B 381 -36.81 -10.73 -12.91
N GLY B 382 -36.82 -11.92 -13.50
CA GLY B 382 -35.72 -12.31 -14.37
C GLY B 382 -34.52 -12.82 -13.57
N PRO B 383 -33.32 -12.81 -14.16
CA PRO B 383 -32.11 -13.27 -13.48
C PRO B 383 -31.81 -12.59 -12.14
N VAL B 384 -31.64 -13.39 -11.10
CA VAL B 384 -31.33 -12.88 -9.76
C VAL B 384 -30.19 -13.67 -9.12
N TRP B 385 -29.65 -13.10 -8.04
CA TRP B 385 -28.58 -13.69 -7.24
C TRP B 385 -29.14 -13.58 -5.83
N SER B 386 -28.92 -14.59 -4.99
CA SER B 386 -29.47 -14.57 -3.64
C SER B 386 -28.48 -14.90 -2.51
N THR B 387 -28.81 -14.43 -1.31
CA THR B 387 -27.98 -14.66 -0.14
C THR B 387 -28.81 -14.79 1.14
N SER B 388 -28.32 -15.60 2.08
CA SER B 388 -29.00 -15.75 3.37
C SER B 388 -28.20 -14.91 4.38
N HIS B 389 -28.65 -14.85 5.63
CA HIS B 389 -27.99 -14.01 6.64
C HIS B 389 -27.66 -14.67 7.98
N LEU B 390 -26.63 -14.14 8.63
CA LEU B 390 -26.22 -14.61 9.95
C LEU B 390 -27.03 -13.87 11.00
N GLY B 391 -27.39 -12.62 10.70
CA GLY B 391 -28.14 -11.79 11.62
C GLY B 391 -29.65 -11.92 11.65
N ASP B 392 -30.21 -12.58 10.64
CA ASP B 392 -31.66 -12.79 10.57
C ASP B 392 -32.01 -13.96 9.64
N GLY B 393 -33.30 -14.27 9.51
CA GLY B 393 -33.60 -15.49 8.75
C GLY B 393 -34.15 -15.15 7.36
N SER B 394 -33.78 -13.98 6.88
CA SER B 394 -34.24 -13.50 5.56
C SER B 394 -33.24 -13.93 4.46
N ILE B 395 -33.78 -13.95 3.25
CA ILE B 395 -33.06 -14.29 2.02
C ILE B 395 -33.30 -13.20 1.00
N SER B 396 -32.25 -12.52 0.64
CA SER B 396 -32.32 -11.41 -0.32
C SER B 396 -32.14 -11.92 -1.77
N LEU B 397 -33.03 -11.41 -2.61
CA LEU B 397 -33.04 -11.69 -4.06
C LEU B 397 -32.73 -10.38 -4.80
N ILE B 398 -31.61 -10.36 -5.49
CA ILE B 398 -31.17 -9.15 -6.22
C ILE B 398 -31.12 -9.38 -7.74
N GLY B 399 -31.69 -8.42 -8.46
CA GLY B 399 -31.74 -8.43 -9.94
C GLY B 399 -30.32 -8.18 -10.47
N THR B 400 -29.91 -8.99 -11.44
CA THR B 400 -28.55 -8.87 -11.99
C THR B 400 -28.52 -8.84 -13.53
N ASP B 401 -29.54 -8.22 -14.12
CA ASP B 401 -29.63 -8.11 -15.59
C ASP B 401 -29.83 -6.65 -16.02
N PRO B 402 -28.78 -5.82 -15.99
CA PRO B 402 -28.91 -4.41 -16.39
C PRO B 402 -29.36 -4.26 -17.84
N LYS B 403 -28.82 -5.10 -18.70
CA LYS B 403 -29.12 -5.04 -20.16
C LYS B 403 -30.62 -5.23 -20.49
N ASN B 404 -31.20 -6.37 -20.11
CA ASN B 404 -32.62 -6.68 -20.46
C ASN B 404 -33.62 -6.53 -19.28
N HIS B 405 -33.15 -6.10 -18.13
CA HIS B 405 -34.05 -5.92 -16.94
C HIS B 405 -33.59 -4.71 -16.12
N PRO B 406 -33.47 -3.53 -16.74
CA PRO B 406 -33.01 -2.34 -16.04
C PRO B 406 -33.89 -1.93 -14.85
N GLN B 407 -35.15 -2.35 -14.85
CA GLN B 407 -36.08 -1.98 -13.75
C GLN B 407 -35.76 -2.69 -12.42
N TYR B 408 -35.08 -3.82 -12.53
CA TYR B 408 -34.76 -4.63 -11.33
C TYR B 408 -33.25 -4.78 -11.05
N ALA B 409 -32.44 -4.36 -11.98
CA ALA B 409 -30.97 -4.46 -11.83
C ALA B 409 -30.48 -3.74 -10.55
N TRP B 410 -29.73 -4.53 -9.76
CA TRP B 410 -29.08 -4.09 -8.49
C TRP B 410 -30.07 -3.61 -7.41
N LYS B 411 -31.24 -4.21 -7.42
CA LYS B 411 -32.30 -3.89 -6.44
C LYS B 411 -32.71 -5.14 -5.68
N LYS B 412 -32.95 -4.98 -4.39
CA LYS B 412 -33.41 -6.09 -3.57
C LYS B 412 -34.88 -6.29 -3.95
N VAL B 413 -35.02 -6.95 -5.08
CA VAL B 413 -36.30 -7.22 -5.72
C VAL B 413 -37.32 -7.96 -4.80
N ALA B 414 -36.84 -8.83 -3.93
CA ALA B 414 -37.76 -9.56 -3.02
C ALA B 414 -36.97 -10.36 -1.98
N GLU B 415 -37.72 -10.87 -1.02
CA GLU B 415 -37.15 -11.67 0.07
C GLU B 415 -37.89 -12.99 0.26
N LEU B 416 -37.21 -13.83 1.00
CA LEU B 416 -37.69 -15.16 1.39
C LEU B 416 -37.36 -15.29 2.88
N GLN B 417 -38.03 -16.19 3.55
CA GLN B 417 -37.78 -16.40 4.99
C GLN B 417 -37.46 -17.87 5.26
N GLY B 418 -36.28 -18.07 5.81
CA GLY B 418 -35.77 -19.40 6.16
C GLY B 418 -36.11 -19.72 7.61
N GLN B 419 -35.50 -20.73 8.18
CA GLN B 419 -35.73 -21.15 9.56
C GLN B 419 -35.34 -20.15 10.65
N GLY B 420 -34.39 -19.27 10.36
CA GLY B 420 -33.94 -18.29 11.33
C GLY B 420 -32.54 -17.81 11.03
N GLY B 421 -31.94 -17.08 11.98
CA GLY B 421 -30.59 -16.56 11.78
C GLY B 421 -29.51 -17.62 11.87
N GLY B 422 -28.25 -17.20 11.83
CA GLY B 422 -27.14 -18.14 11.91
C GLY B 422 -26.88 -18.88 10.61
N SER B 423 -27.45 -18.38 9.52
CA SER B 423 -27.27 -19.01 8.21
C SER B 423 -25.91 -18.69 7.60
N LEU B 424 -25.38 -19.66 6.86
CA LEU B 424 -24.08 -19.55 6.24
C LEU B 424 -24.07 -19.73 4.72
N PHE B 425 -24.79 -20.73 4.22
CA PHE B 425 -24.79 -20.98 2.78
C PHE B 425 -26.14 -21.23 2.12
N ILE B 426 -26.36 -20.59 0.97
CA ILE B 426 -27.58 -20.75 0.18
C ILE B 426 -27.11 -21.46 -1.09
N LYS B 427 -27.95 -22.28 -1.72
CA LYS B 427 -27.50 -23.03 -2.88
C LYS B 427 -28.57 -23.50 -3.86
N THR B 428 -28.17 -23.62 -5.14
CA THR B 428 -29.03 -24.13 -6.21
C THR B 428 -28.15 -24.56 -7.40
N HIS B 429 -28.79 -25.02 -8.48
CA HIS B 429 -28.07 -25.47 -9.67
C HIS B 429 -28.93 -25.18 -10.90
N PRO B 430 -28.30 -24.95 -12.07
CA PRO B 430 -29.03 -24.67 -13.31
C PRO B 430 -30.09 -25.74 -13.66
N LYS B 431 -29.80 -27.00 -13.35
CA LYS B 431 -30.70 -28.10 -13.64
C LYS B 431 -31.67 -28.43 -12.52
N SER B 432 -31.63 -27.65 -11.44
CA SER B 432 -32.47 -27.88 -10.28
C SER B 432 -33.58 -26.85 -10.06
N SER B 433 -34.64 -27.27 -9.40
CA SER B 433 -35.77 -26.39 -9.09
C SER B 433 -35.88 -26.19 -7.58
N HIS B 434 -34.77 -26.43 -6.89
CA HIS B 434 -34.72 -26.30 -5.44
C HIS B 434 -33.67 -25.30 -4.96
N LEU B 435 -33.97 -24.64 -3.83
CA LEU B 435 -33.08 -23.66 -3.24
C LEU B 435 -32.85 -24.06 -1.78
N TYR B 436 -31.63 -24.45 -1.46
CA TYR B 436 -31.27 -24.88 -0.10
C TYR B 436 -30.61 -23.79 0.74
N VAL B 437 -30.98 -23.73 2.02
CA VAL B 437 -30.43 -22.77 2.95
C VAL B 437 -30.15 -23.45 4.30
N ASP B 438 -28.90 -23.36 4.78
CA ASP B 438 -28.55 -23.97 6.06
C ASP B 438 -28.73 -22.98 7.23
N THR B 439 -28.38 -23.43 8.44
CA THR B 439 -28.49 -22.61 9.67
C THR B 439 -27.47 -23.08 10.71
N THR B 440 -26.25 -23.33 10.24
CA THR B 440 -25.12 -23.81 11.04
C THR B 440 -24.93 -23.20 12.44
N PHE B 441 -24.97 -21.87 12.52
CA PHE B 441 -24.76 -21.20 13.80
C PHE B 441 -26.01 -20.73 14.55
N ASN B 442 -27.17 -21.22 14.13
CA ASN B 442 -28.42 -20.86 14.80
C ASN B 442 -28.31 -21.50 16.20
N PRO B 443 -28.71 -20.75 17.25
CA PRO B 443 -28.62 -21.27 18.62
C PRO B 443 -29.53 -22.46 18.96
N ASP B 444 -30.49 -22.76 18.08
CA ASP B 444 -31.40 -23.87 18.31
C ASP B 444 -30.84 -25.14 17.64
N ALA B 445 -30.70 -26.20 18.43
CA ALA B 445 -30.15 -27.48 17.95
C ALA B 445 -30.84 -28.01 16.70
N ARG B 446 -32.15 -28.15 16.77
CA ARG B 446 -32.96 -28.67 15.67
C ARG B 446 -32.78 -27.89 14.36
N ILE B 447 -32.74 -26.55 14.45
CA ILE B 447 -32.59 -25.70 13.28
C ILE B 447 -31.16 -25.80 12.74
N SER B 448 -30.18 -25.81 13.64
CA SER B 448 -28.77 -25.91 13.25
C SER B 448 -28.44 -27.28 12.67
N GLN B 449 -29.30 -28.27 12.95
CA GLN B 449 -29.12 -29.65 12.48
C GLN B 449 -29.97 -29.98 11.25
N SER B 450 -30.56 -28.97 10.62
CA SER B 450 -31.40 -29.18 9.45
C SER B 450 -31.24 -28.06 8.42
N VAL B 451 -31.83 -28.26 7.25
CA VAL B 451 -31.77 -27.25 6.19
C VAL B 451 -33.16 -27.02 5.60
N ALA B 452 -33.41 -25.77 5.20
CA ALA B 452 -34.68 -25.39 4.59
C ALA B 452 -34.53 -25.54 3.08
N VAL B 453 -35.61 -25.94 2.41
CA VAL B 453 -35.58 -26.13 0.96
C VAL B 453 -36.79 -25.44 0.32
N PHE B 454 -36.53 -24.54 -0.61
CA PHE B 454 -37.60 -23.82 -1.30
C PHE B 454 -37.83 -24.41 -2.68
N ASP B 455 -39.03 -24.15 -3.22
CA ASP B 455 -39.42 -24.61 -4.55
C ASP B 455 -39.35 -23.39 -5.47
N LEU B 456 -38.41 -23.41 -6.40
CA LEU B 456 -38.23 -22.32 -7.35
C LEU B 456 -39.44 -22.13 -8.27
N LYS B 457 -40.21 -23.20 -8.46
CA LYS B 457 -41.40 -23.15 -9.30
C LYS B 457 -42.62 -22.66 -8.51
N ASN B 458 -42.45 -22.50 -7.21
CA ASN B 458 -43.52 -22.03 -6.34
C ASN B 458 -42.94 -21.30 -5.12
N LEU B 459 -42.33 -20.15 -5.39
CA LEU B 459 -41.68 -19.34 -4.35
C LEU B 459 -42.59 -18.79 -3.25
N ASP B 460 -43.90 -18.88 -3.46
CA ASP B 460 -44.85 -18.39 -2.46
C ASP B 460 -45.05 -19.40 -1.33
N ALA B 461 -44.76 -20.66 -1.61
CA ALA B 461 -44.90 -21.73 -0.63
C ALA B 461 -43.76 -21.72 0.38
N LYS B 462 -44.07 -22.11 1.61
CA LYS B 462 -43.07 -22.15 2.68
C LYS B 462 -42.10 -23.30 2.39
N TYR B 463 -40.85 -23.13 2.83
CA TYR B 463 -39.81 -24.13 2.65
C TYR B 463 -40.14 -25.46 3.36
N GLN B 464 -39.45 -26.52 2.96
CA GLN B 464 -39.60 -27.83 3.57
C GLN B 464 -38.33 -28.09 4.38
N VAL B 465 -38.48 -28.50 5.63
CA VAL B 465 -37.33 -28.77 6.48
C VAL B 465 -36.81 -30.20 6.34
N LEU B 466 -35.57 -30.33 5.91
CA LEU B 466 -34.93 -31.64 5.75
C LEU B 466 -34.07 -31.92 6.99
N PRO B 467 -34.39 -33.01 7.71
CA PRO B 467 -33.65 -33.40 8.93
C PRO B 467 -32.32 -34.07 8.59
N ILE B 468 -31.37 -33.27 8.11
CA ILE B 468 -30.07 -33.78 7.68
C ILE B 468 -29.28 -34.55 8.76
N ALA B 469 -29.01 -33.92 9.89
CA ALA B 469 -28.25 -34.59 10.96
C ALA B 469 -28.96 -35.85 11.48
N GLU B 470 -30.29 -35.78 11.59
CA GLU B 470 -31.08 -36.92 12.04
C GLU B 470 -30.88 -38.12 11.10
N TRP B 471 -30.94 -37.84 9.80
CA TRP B 471 -30.75 -38.86 8.76
C TRP B 471 -29.38 -39.51 8.86
N ALA B 472 -28.41 -38.78 9.39
CA ALA B 472 -27.05 -39.29 9.53
C ALA B 472 -26.96 -40.41 10.57
N ASP B 473 -27.83 -40.39 11.58
CA ASP B 473 -27.85 -41.44 12.63
C ASP B 473 -26.47 -41.51 13.30
N LEU B 474 -26.06 -40.40 13.93
CA LEU B 474 -24.74 -40.29 14.56
C LEU B 474 -24.60 -40.34 16.08
N GLY B 475 -25.68 -40.10 16.81
CA GLY B 475 -25.55 -40.13 18.25
C GLY B 475 -25.39 -38.73 18.84
N GLU B 476 -24.53 -38.61 19.84
CA GLU B 476 -24.33 -37.32 20.52
C GLU B 476 -23.44 -36.29 19.81
N GLY B 477 -23.50 -35.02 20.26
CA GLY B 477 -22.74 -33.89 19.69
C GLY B 477 -23.70 -32.87 19.09
N ALA B 478 -23.16 -31.68 18.86
CA ALA B 478 -23.91 -30.55 18.29
C ALA B 478 -24.48 -30.95 16.91
N LYS B 479 -23.66 -31.62 16.14
CA LYS B 479 -23.97 -32.15 14.81
C LYS B 479 -24.54 -31.06 13.90
N ARG B 480 -23.81 -29.97 13.81
CA ARG B 480 -24.20 -28.82 12.98
C ARG B 480 -23.99 -29.13 11.49
N VAL B 481 -25.04 -28.87 10.72
CA VAL B 481 -25.05 -29.07 9.25
C VAL B 481 -24.55 -27.78 8.59
N VAL B 482 -23.85 -27.90 7.47
CA VAL B 482 -23.31 -26.69 6.80
C VAL B 482 -22.95 -26.90 5.32
N GLN B 483 -23.06 -25.78 4.61
CA GLN B 483 -22.77 -25.67 3.17
C GLN B 483 -23.37 -26.85 2.41
N PRO B 484 -24.59 -26.57 1.74
CA PRO B 484 -25.12 -27.51 0.78
C PRO B 484 -24.29 -27.44 -0.50
N GLU B 485 -24.03 -28.54 -1.26
CA GLU B 485 -23.21 -28.56 -2.53
C GLU B 485 -23.67 -29.70 -3.45
N TYR B 486 -23.93 -29.31 -4.71
CA TYR B 486 -24.39 -30.21 -5.79
C TYR B 486 -23.23 -31.02 -6.39
N ASN B 487 -23.64 -32.02 -7.18
CA ASN B 487 -22.68 -32.86 -7.91
C ASN B 487 -22.55 -32.32 -9.34
N LYS B 488 -21.74 -33.01 -10.12
CA LYS B 488 -21.46 -32.64 -11.52
C LYS B 488 -22.77 -32.40 -12.28
N ARG B 489 -23.67 -33.37 -12.27
CA ARG B 489 -24.95 -33.29 -13.02
C ARG B 489 -26.03 -32.57 -12.20
N GLY B 490 -25.65 -32.29 -10.96
CA GLY B 490 -26.51 -31.59 -9.99
C GLY B 490 -27.89 -32.24 -9.83
N ASP B 491 -27.88 -33.54 -9.60
CA ASP B 491 -29.11 -34.31 -9.40
C ASP B 491 -29.14 -34.84 -7.96
N GLU B 492 -28.21 -34.30 -7.18
CA GLU B 492 -28.05 -34.63 -5.76
C GLU B 492 -27.22 -33.54 -5.06
N VAL B 493 -27.67 -33.20 -3.87
CA VAL B 493 -27.03 -32.17 -3.04
C VAL B 493 -26.38 -32.82 -1.81
N TRP B 494 -25.16 -32.40 -1.47
CA TRP B 494 -24.36 -32.90 -0.34
C TRP B 494 -24.30 -31.86 0.79
N PHE B 495 -24.28 -32.39 2.00
CA PHE B 495 -24.22 -31.59 3.24
C PHE B 495 -23.20 -32.22 4.19
N SER B 496 -22.65 -31.39 5.01
CA SER B 496 -21.66 -31.81 6.02
C SER B 496 -22.25 -31.73 7.42
N VAL B 497 -22.08 -32.81 8.14
CA VAL B 497 -22.53 -32.90 9.53
C VAL B 497 -21.27 -32.77 10.39
N TRP B 498 -20.96 -31.52 10.59
CA TRP B 498 -19.80 -31.05 11.34
C TRP B 498 -19.92 -31.30 12.84
N ASN B 499 -19.51 -32.50 13.23
CA ASN B 499 -19.52 -32.93 14.64
C ASN B 499 -18.11 -32.82 15.22
N GLY B 500 -18.05 -32.86 16.53
CA GLY B 500 -16.79 -32.75 17.31
C GLY B 500 -15.71 -33.71 16.79
N LYS B 501 -14.48 -33.32 17.10
CA LYS B 501 -13.26 -34.06 16.74
C LYS B 501 -13.26 -35.47 17.35
N ASN B 502 -13.86 -35.59 18.52
CA ASN B 502 -13.93 -36.87 19.25
C ASN B 502 -15.30 -37.55 19.08
N ASP B 503 -16.13 -36.97 18.24
CA ASP B 503 -17.48 -37.52 17.96
C ASP B 503 -17.48 -38.16 16.56
N SER B 504 -18.68 -38.43 16.07
CA SER B 504 -18.86 -39.05 14.74
C SER B 504 -19.55 -38.07 13.78
N SER B 505 -18.92 -37.89 12.63
CA SER B 505 -19.43 -36.98 11.58
C SER B 505 -19.83 -37.79 10.34
N ALA B 506 -20.36 -37.08 9.37
CA ALA B 506 -20.80 -37.70 8.10
C ALA B 506 -21.16 -36.64 7.06
N LEU B 507 -21.24 -37.13 5.85
CA LEU B 507 -21.65 -36.36 4.68
C LEU B 507 -23.00 -36.94 4.27
N VAL B 508 -24.00 -36.12 4.18
CA VAL B 508 -25.35 -36.62 3.81
C VAL B 508 -25.72 -36.13 2.41
N VAL B 509 -26.11 -37.09 1.59
CA VAL B 509 -26.50 -36.84 0.19
C VAL B 509 -28.01 -37.03 0.02
N VAL B 510 -28.61 -36.02 -0.60
CA VAL B 510 -30.03 -36.00 -0.88
C VAL B 510 -30.32 -36.03 -2.38
N ASP B 511 -31.33 -36.81 -2.76
CA ASP B 511 -31.77 -36.91 -4.16
C ASP B 511 -32.50 -35.60 -4.44
N ASP B 512 -31.91 -34.73 -5.25
CA ASP B 512 -32.51 -33.43 -5.57
C ASP B 512 -33.88 -33.49 -6.26
N LYS B 513 -34.11 -34.55 -7.02
CA LYS B 513 -35.37 -34.72 -7.71
C LYS B 513 -36.55 -35.07 -6.78
N THR B 514 -36.25 -35.82 -5.72
CA THR B 514 -37.29 -36.27 -4.78
C THR B 514 -37.24 -35.70 -3.36
N LEU B 515 -36.14 -35.05 -3.00
CA LEU B 515 -35.95 -34.49 -1.66
C LEU B 515 -35.83 -35.60 -0.60
N LYS B 516 -35.40 -36.78 -1.05
CA LYS B 516 -35.25 -37.95 -0.21
C LYS B 516 -33.80 -38.33 0.03
N LEU B 517 -33.53 -38.87 1.21
CA LEU B 517 -32.18 -39.32 1.57
C LEU B 517 -31.68 -40.33 0.53
N LYS B 518 -30.47 -40.11 0.04
CA LYS B 518 -29.90 -40.98 -0.97
C LYS B 518 -28.68 -41.78 -0.48
N ALA B 519 -27.89 -41.18 0.42
CA ALA B 519 -26.71 -41.85 0.94
C ALA B 519 -26.11 -41.09 2.11
N VAL B 520 -25.37 -41.80 2.96
CA VAL B 520 -24.70 -41.21 4.11
C VAL B 520 -23.26 -41.71 4.08
N VAL B 521 -22.32 -40.77 4.01
CA VAL B 521 -20.89 -41.08 3.97
C VAL B 521 -20.28 -41.08 5.37
N LYS B 522 -19.82 -42.25 5.81
CA LYS B 522 -19.18 -42.40 7.12
C LYS B 522 -17.84 -43.10 6.92
N ASP B 523 -16.85 -42.69 7.72
CA ASP B 523 -15.50 -43.24 7.65
C ASP B 523 -14.75 -42.72 8.88
N PRO B 524 -13.97 -43.58 9.57
CA PRO B 524 -13.24 -43.14 10.75
C PRO B 524 -12.26 -41.99 10.45
N ARG B 525 -11.91 -41.84 9.17
CA ARG B 525 -11.00 -40.79 8.73
C ARG B 525 -11.72 -39.46 8.47
N LEU B 526 -13.05 -39.49 8.40
CA LEU B 526 -13.86 -38.29 8.16
C LEU B 526 -14.01 -37.46 9.44
N ILE B 527 -12.94 -36.77 9.83
CA ILE B 527 -12.94 -35.96 11.03
C ILE B 527 -13.27 -34.49 10.79
N THR B 528 -14.26 -33.98 11.53
CA THR B 528 -14.72 -32.59 11.44
C THR B 528 -14.84 -32.07 10.00
N PRO B 529 -15.66 -32.74 9.18
CA PRO B 529 -15.86 -32.32 7.78
C PRO B 529 -16.59 -30.98 7.70
N THR B 530 -16.02 -30.05 6.94
CA THR B 530 -16.63 -28.75 6.78
C THR B 530 -16.91 -28.44 5.31
N GLY B 531 -15.98 -27.73 4.66
CA GLY B 531 -16.16 -27.40 3.25
C GLY B 531 -16.03 -28.59 2.31
N LYS B 532 -16.85 -28.59 1.27
CA LYS B 532 -16.84 -29.65 0.25
C LYS B 532 -16.90 -28.93 -1.08
N PHE B 533 -16.02 -29.32 -2.00
CA PHE B 533 -16.00 -28.66 -3.29
C PHE B 533 -15.98 -29.63 -4.47
N ASN B 534 -17.10 -29.72 -5.16
CA ASN B 534 -17.19 -30.58 -6.34
C ASN B 534 -16.22 -29.98 -7.37
N VAL B 535 -15.37 -30.81 -7.96
CA VAL B 535 -14.39 -30.34 -8.94
C VAL B 535 -14.95 -29.53 -10.11
N TYR B 536 -15.93 -30.09 -10.81
CA TYR B 536 -16.53 -29.42 -11.97
C TYR B 536 -17.21 -28.09 -11.59
N ASN B 537 -18.11 -28.14 -10.61
CA ASN B 537 -18.85 -26.97 -10.16
C ASN B 537 -17.99 -25.84 -9.60
N THR B 538 -16.86 -26.19 -9.00
CA THR B 538 -15.95 -25.19 -8.44
C THR B 538 -15.16 -24.55 -9.58
N GLN B 539 -14.59 -25.38 -10.45
CA GLN B 539 -13.80 -24.93 -11.58
C GLN B 539 -14.55 -24.03 -12.57
N HIS B 540 -15.79 -24.40 -12.87
CA HIS B 540 -16.62 -23.66 -13.82
C HIS B 540 -17.62 -22.71 -13.16
N ASP B 541 -17.43 -22.45 -11.85
CA ASP B 541 -18.31 -21.57 -11.09
C ASP B 541 -19.79 -21.81 -11.36
N VAL B 542 -20.26 -23.01 -11.07
CA VAL B 542 -21.66 -23.39 -11.28
C VAL B 542 -22.48 -23.23 -10.00
N TYR B 543 -23.10 -22.08 -9.83
CA TYR B 543 -23.92 -21.79 -8.65
C TYR B 543 -24.90 -20.66 -8.92
P PO4 C . -16.41 -21.29 -17.36
O1 PO4 C . -17.53 -22.14 -18.18
O2 PO4 C . -15.26 -22.31 -16.90
O3 PO4 C . -17.04 -20.61 -16.03
O4 PO4 C . -15.79 -20.13 -18.31
CL CL D . -3.93 3.13 0.47
O OH E . 17.65 18.20 -2.66
FE HEC F . 23.62 7.15 12.11
CHA HEC F . 24.71 4.01 11.54
CHB HEC F . 23.03 6.44 15.38
CHC HEC F . 22.97 10.46 12.71
CHD HEC F . 23.77 7.84 8.72
NA HEC F . 23.88 5.59 13.24
C1A HEC F . 24.36 4.35 12.85
C2A HEC F . 24.45 3.46 14.02
C3A HEC F . 24.05 4.17 15.10
C4A HEC F . 23.65 5.47 14.61
CMA HEC F . 23.93 3.67 16.54
CAA HEC F . 25.00 2.04 14.05
CBA HEC F . 24.07 0.96 13.48
CGA HEC F . 24.56 -0.42 13.79
O1A HEC F . 25.40 -0.95 13.02
O2A HEC F . 24.12 -1.01 14.80
NB HEC F . 23.02 8.19 13.64
C1B HEC F . 22.71 7.73 14.91
C2B HEC F . 22.39 8.79 15.80
C3B HEC F . 22.52 9.92 15.08
C4B HEC F . 22.87 9.55 13.75
CMB HEC F . 21.88 8.63 17.23
CAB HEC F . 22.11 11.33 15.47
CBB HEC F . 22.72 11.95 16.73
NC HEC F . 23.40 8.75 10.98
C1C HEC F . 23.17 10.07 11.39
C2C HEC F . 23.07 10.98 10.27
C3C HEC F . 23.29 10.25 9.18
C4C HEC F . 23.49 8.87 9.59
CMC HEC F . 22.78 12.49 10.34
CAC HEC F . 23.20 10.72 7.76
CBC HEC F . 23.99 11.94 7.31
ND HEC F . 24.14 6.15 10.48
C1D HEC F . 24.11 6.55 9.12
C2D HEC F . 24.53 5.50 8.22
C3D HEC F . 24.82 4.44 9.03
C4D HEC F . 24.58 4.85 10.41
CMD HEC F . 24.66 5.55 6.70
CAD HEC F . 25.43 3.11 8.63
CBD HEC F . 26.94 3.30 8.63
CGD HEC F . 27.74 2.00 8.68
O1D HEC F . 28.96 2.08 8.82
O2D HEC F . 27.13 0.92 8.58
FE DHE G . 16.08 19.09 -1.69
CHA DHE G . 14.55 18.95 -4.76
CHB DHE G . 14.54 16.21 -0.74
CHC DHE G . 18.15 18.94 0.96
CHD DHE G . 16.89 22.37 -2.20
NA DHE G . 14.83 17.74 -2.65
C1A DHE G . 14.30 17.87 -3.93
C2A DHE G . 13.47 16.74 -4.20
C3A DHE G . 13.43 15.98 -3.04
C4A DHE G . 14.28 16.61 -2.06
CMA DHE G . 12.65 14.71 -2.79
CAA DHE G . 12.78 16.46 -5.52
CBA DHE G . 11.46 17.10 -5.69
CGA DHE G . 10.84 17.07 -7.04
O1A DHE G . 11.57 17.19 -8.05
O2A DHE G . 9.59 16.91 -7.13
NB DHE G . 16.33 17.79 -0.11
C1B DHE G . 15.51 16.71 0.10
C2B DHE G . 15.85 16.12 1.43
OMB DHE G . 15.19 15.35 2.08
C3B DHE G . 17.21 16.68 1.81
CGB DHE G . 18.29 15.56 1.37
CAB DHE G . 17.35 16.95 3.26
CBB DHE G . 16.55 18.06 3.80
O1B DHE G . 16.92 18.61 4.85
O2B DHE G . 15.52 18.40 3.18
C4B DHE G . 17.27 17.87 0.86
NC DHE G . 17.39 20.46 -0.80
C1C DHE G . 18.12 20.15 0.30
C2C DHE G . 18.88 21.34 0.73
OMC DHE G . 19.74 21.39 1.57
C3C DHE G . 18.33 22.51 -0.07
CGC DHE G . 19.58 23.20 -0.83
CAC DHE G . 17.66 23.52 0.79
CBC DHE G . 16.64 23.02 1.72
O1C DHE G . 15.71 23.80 2.07
O2C DHE G . 16.70 21.85 2.14
C4C DHE G . 17.48 21.77 -1.10
ND DHE G . 15.78 20.44 -3.25
C1D DHE G . 16.21 21.75 -3.26
C2D DHE G . 15.84 22.30 -4.52
C3D DHE G . 15.31 21.30 -5.30
C4D DHE G . 15.17 20.15 -4.46
CMD DHE G . 16.05 23.75 -4.90
CAD DHE G . 14.98 21.35 -6.72
CBD DHE G . 15.68 21.94 -7.63
CGD DHE G . 15.47 21.90 -9.08
O1D DHE G . 16.10 22.69 -9.82
O2D DHE G . 14.65 21.07 -9.53
P PO4 H . 6.07 21.16 -22.89
O1 PO4 H . 5.30 20.07 -23.79
O2 PO4 H . 7.26 20.52 -21.99
O3 PO4 H . 4.95 21.86 -21.94
O4 PO4 H . 6.70 22.17 -23.97
CL CL I . 3.72 -3.27 -1.53
O OH J . -16.84 -18.48 6.03
FE HEC K . -14.93 -7.25 21.86
CHA HEC K . -16.12 -4.06 21.81
CHB HEC K . -12.90 -6.47 24.45
CHC HEC K . -14.01 -10.52 22.09
CHD HEC K . -16.60 -7.92 18.99
NA HEC K . -14.66 -5.65 22.95
C1A HEC K . -15.27 -4.42 22.86
C2A HEC K . -14.79 -3.52 23.89
C3A HEC K . -13.88 -4.17 24.61
C4A HEC K . -13.77 -5.49 24.01
CMA HEC K . -13.09 -3.58 25.79
CAA HEC K . -15.21 -2.08 24.14
CBA HEC K . -14.56 -1.03 23.27
CGA HEC K . -14.96 0.36 23.66
O1A HEC K . -16.07 0.79 23.28
O2A HEC K . -14.19 1.04 24.36
NB HEC K . -13.66 -8.26 22.98
C1B HEC K . -12.86 -7.78 24.00
C2B HEC K . -12.09 -8.83 24.62
C3B HEC K . -12.45 -10.00 24.02
C4B HEC K . -13.40 -9.62 22.97
CMB HEC K . -11.04 -8.65 25.73
CAB HEC K . -11.96 -11.42 24.26
CBB HEC K . -11.76 -12.02 25.66
NC HEC K . -15.30 -8.88 20.84
C1C HEC K . -14.86 -10.17 21.08
C2C HEC K . -15.32 -11.09 20.05
C3C HEC K . -16.08 -10.36 19.19
C4C HEC K . -16.03 -8.99 19.67
CMC HEC K . -15.06 -12.60 19.97
CAC HEC K . -16.69 -10.84 17.86
CBC HEC K . -17.56 -12.07 17.78
ND HEC K . -16.08 -6.21 20.64
C1D HEC K . -16.67 -6.63 19.45
C2D HEC K . -17.53 -5.59 18.88
C3D HEC K . -17.44 -4.52 19.71
C4D HEC K . -16.51 -4.90 20.77
CMD HEC K . -18.42 -5.67 17.66
CAD HEC K . -18.25 -3.22 19.64
CBD HEC K . -19.43 -3.28 20.61
CGD HEC K . -20.20 -1.97 20.72
O1D HEC K . -21.28 -1.96 21.35
O2D HEC K . -19.74 -0.93 20.21
FE DHE L . -14.97 -19.18 6.20
CHA DHE L . -15.19 -19.02 2.80
CHB DHE L . -13.16 -16.32 6.31
CHC DHE L . -15.53 -19.05 9.52
CHD DHE L . -15.76 -22.49 6.14
NA DHE L . -14.35 -17.82 4.77
C1A DHE L . -14.54 -17.94 3.41
C2A DHE L . -13.95 -16.80 2.78
C3A DHE L . -13.36 -16.04 3.76
C4A DHE L . -13.58 -16.70 5.02
CMA DHE L . -12.63 -14.74 3.63
CAA DHE L . -13.99 -16.53 1.29
CBA DHE L . -12.93 -17.20 0.54
CGA DHE L . -13.00 -17.14 -0.94
O1A DHE L . -13.97 -17.68 -1.53
O2A DHE L . -12.09 -16.56 -1.57
NB DHE L . -14.52 -17.84 7.71
C1B DHE L . -13.66 -16.78 7.52
C2B DHE L . -13.35 -16.17 8.85
OMB DHE L . -12.50 -15.34 9.10
C3B DHE L . -14.32 -16.79 9.85
CGB DHE L . -15.49 -15.70 10.06
CAB DHE L . -13.71 -17.11 11.16
CBB DHE L . -12.69 -18.16 11.17
O1B DHE L . -12.45 -18.75 12.24
O2B DHE L . -12.10 -18.43 10.11
C4B DHE L . -14.84 -17.97 9.02
NC DHE L . -15.59 -20.58 7.61
C1C DHE L . -15.81 -20.25 8.92
C2C DHE L . -16.39 -21.43 9.62
OMC DHE L . -16.91 -21.45 10.70
C3C DHE L . -16.18 -22.62 8.69
CGC DHE L . -17.62 -23.34 8.51
CAC DHE L . -15.18 -23.60 9.22
CBC DHE L . -13.83 -23.10 9.55
O1C DHE L . -12.84 -23.87 9.40
O2C DHE L . -13.68 -21.93 9.97
C4C DHE L . -15.82 -21.89 7.39
ND DHE L . -15.42 -20.54 4.70
C1D DHE L . -15.77 -21.85 4.90
C2D DHE L . -16.15 -22.39 3.64
C3D DHE L . -16.09 -21.38 2.71
C4D DHE L . -15.55 -20.23 3.36
CMD DHE L . -16.56 -23.83 3.44
CAD DHE L . -16.51 -21.41 1.31
CBD DHE L . -17.54 -22.01 0.83
CGD DHE L . -18.07 -21.87 -0.55
O1D DHE L . -19.00 -22.63 -0.94
O2D DHE L . -17.56 -21.00 -1.29
#